data_7MES
#
_entry.id   7MES
#
_cell.length_a   84.744
_cell.length_b   94.105
_cell.length_c   131.636
_cell.angle_alpha   90.000
_cell.angle_beta   90.000
_cell.angle_gamma   90.000
#
_symmetry.space_group_name_H-M   'P 21 21 21'
#
loop_
_entity.id
_entity.type
_entity.pdbx_description
1 polymer 'Delta-1-pyrroline-5-carboxylate dehydrogenase, mitochondrial'
2 non-polymer NICOTINAMIDE-ADENINE-DINUCLEOTIDE
3 non-polymer (4S)-4-hydroxy-D-proline
4 non-polymer 'TETRAETHYLENE GLYCOL'
5 non-polymer DI(HYDROXYETHYL)ETHER
6 non-polymer 'PENTAETHYLENE GLYCOL'
7 non-polymer 'TRIETHYLENE GLYCOL'
8 water water
#
_entity_poly.entity_id   1
_entity_poly.type   'polypeptide(L)'
_entity_poly.pdbx_seq_one_letter_code
;MGSSHHHHHHSSGLVPRGSHMLRWKHTSSLKVANEPILAFSQGSPERDALQKALKDLKGQTEAIPCVVGDEEVWTSDIQY
QLSPFNHAHKVAKFCYADKALLNRAIDAALAARKEWDLKPMADRAQVFLKAADMLSGPRRAEVLAKTMVGQGKTVIQAEI
DAAAELIDFFRFNAKFAVELEGEQPISVPPSTNHTVYRGLEGFVAAISPFNFTAIGGNLAGAPALMGNVVLWKPSDTAML
ASYAVYRILREAGLPPNIIQFVPADGPTFGDTVTSSEHLCGINFTGSVPTFKHLWRQVAQNLDRFRTFPRLAGECGGKNF
HFVHSSADVDSVVSGTLRSAFEYGGQKCSACSRLYVPKSLWPQIKGRLLEEHSRIKVGDPAEDFGTFFSAVIDAKAFARI
KKWLEHARSSPSLSILAGGQCNESVGYYVEPCIIESKDPQEPIMKEEIFGPVLTVYVYPDDKYRETLKLVDSTTSYGLTG
AVFAQDKAIVQEATRMLRNAAGNFYINDKSTGSVVGQQPFGGARASGTNDKPGGPHYILRWTSPQVIKETHKPLGDWRYS
YMQ
;
_entity_poly.pdbx_strand_id   A,B
#
# COMPACT_ATOMS: atom_id res chain seq x y z
N VAL A 32 17.48 7.64 -17.40
CA VAL A 32 18.66 7.20 -16.67
C VAL A 32 19.01 5.75 -17.00
N ALA A 33 20.28 5.41 -16.87
CA ALA A 33 20.79 4.05 -17.03
C ALA A 33 21.48 3.62 -15.75
N ASN A 34 21.72 2.31 -15.64
CA ASN A 34 22.37 1.78 -14.45
C ASN A 34 23.83 2.24 -14.37
N GLU A 35 24.28 2.48 -13.15
CA GLU A 35 25.67 2.86 -12.93
C GLU A 35 26.60 1.70 -13.26
N PRO A 36 27.65 1.92 -14.04
CA PRO A 36 28.60 0.83 -14.33
C PRO A 36 29.27 0.31 -13.06
N ILE A 37 29.50 -1.00 -13.03
CA ILE A 37 30.30 -1.64 -11.99
C ILE A 37 31.75 -1.58 -12.41
N LEU A 38 32.59 -0.98 -11.57
CA LEU A 38 34.00 -0.85 -11.92
C LEU A 38 34.77 -2.13 -11.62
N ALA A 39 35.83 -2.38 -12.38
CA ALA A 39 36.56 -3.63 -12.28
C ALA A 39 37.65 -3.63 -11.22
N PHE A 40 38.17 -2.46 -10.86
CA PHE A 40 39.21 -2.34 -9.82
C PHE A 40 40.47 -3.14 -10.17
N SER A 41 40.79 -3.21 -11.45
CA SER A 41 42.00 -3.88 -11.87
C SER A 41 43.23 -3.10 -11.41
N GLN A 42 44.37 -3.81 -11.33
CA GLN A 42 45.61 -3.19 -10.90
C GLN A 42 45.96 -2.01 -11.80
N GLY A 43 46.33 -0.89 -11.19
CA GLY A 43 46.65 0.31 -11.93
C GLY A 43 45.48 1.15 -12.38
N SER A 44 44.25 0.77 -12.04
CA SER A 44 43.10 1.56 -12.43
C SER A 44 42.94 2.75 -11.50
N PRO A 45 42.31 3.83 -11.99
CA PRO A 45 42.09 4.99 -11.11
C PRO A 45 41.25 4.67 -9.89
N GLU A 46 40.23 3.82 -10.04
CA GLU A 46 39.36 3.51 -8.91
C GLU A 46 40.06 2.64 -7.87
N ARG A 47 40.93 1.72 -8.30
CA ARG A 47 41.68 0.92 -7.33
C ARG A 47 42.65 1.80 -6.54
N ASP A 48 43.35 2.71 -7.21
CA ASP A 48 44.22 3.64 -6.50
C ASP A 48 43.43 4.51 -5.53
N ALA A 49 42.29 5.04 -5.97
CA ALA A 49 41.50 5.91 -5.11
C ALA A 49 40.95 5.14 -3.91
N LEU A 50 40.54 3.89 -4.11
CA LEU A 50 40.04 3.10 -3.00
C LEU A 50 41.14 2.77 -2.00
N GLN A 51 42.33 2.41 -2.48
CA GLN A 51 43.43 2.14 -1.57
C GLN A 51 43.79 3.37 -0.75
N LYS A 52 43.76 4.55 -1.37
CA LYS A 52 44.00 5.78 -0.62
C LYS A 52 42.95 6.00 0.45
N ALA A 53 41.67 5.81 0.10
CA ALA A 53 40.60 6.01 1.07
C ALA A 53 40.72 5.01 2.22
N LEU A 54 41.10 3.77 1.91
CA LEU A 54 41.28 2.76 2.95
C LEU A 54 42.43 3.12 3.88
N LYS A 55 43.54 3.59 3.31
CA LYS A 55 44.65 4.06 4.12
C LYS A 55 44.23 5.22 5.01
N ASP A 56 43.45 6.15 4.45
CA ASP A 56 42.90 7.27 5.21
C ASP A 56 42.11 6.81 6.43
N LEU A 57 41.40 5.68 6.34
CA LEU A 57 40.50 5.21 7.39
C LEU A 57 41.14 4.25 8.38
N LYS A 58 42.31 3.69 8.06
CA LYS A 58 42.83 2.52 8.79
C LYS A 58 42.85 2.70 10.31
N GLY A 59 43.32 3.85 10.77
CA GLY A 59 43.41 4.12 12.19
C GLY A 59 42.38 5.07 12.75
N GLN A 60 41.33 5.39 12.02
CA GLN A 60 40.44 6.49 12.36
C GLN A 60 39.21 6.03 13.12
N THR A 61 38.76 6.88 14.04
CA THR A 61 37.43 6.81 14.64
C THR A 61 36.73 8.13 14.35
N GLU A 62 35.57 8.07 13.70
CA GLU A 62 34.79 9.28 13.46
C GLU A 62 33.77 9.46 14.58
N ALA A 63 33.72 10.66 15.15
CA ALA A 63 32.69 11.01 16.12
C ALA A 63 31.47 11.50 15.35
N ILE A 64 30.41 10.70 15.34
CA ILE A 64 29.23 10.94 14.51
C ILE A 64 28.09 11.37 15.43
N PRO A 65 27.65 12.62 15.35
CA PRO A 65 26.58 13.11 16.22
C PRO A 65 25.21 12.75 15.65
N CYS A 66 24.20 12.91 16.47
CA CYS A 66 22.86 13.03 15.92
C CYS A 66 22.76 14.38 15.20
N VAL A 67 21.98 14.45 14.13
CA VAL A 67 21.79 15.70 13.41
C VAL A 67 20.31 16.01 13.35
N VAL A 68 19.92 17.12 13.98
CA VAL A 68 18.55 17.63 13.94
C VAL A 68 18.63 19.00 13.29
N GLY A 69 18.03 19.13 12.10
CA GLY A 69 18.23 20.33 11.32
C GLY A 69 19.67 20.45 10.88
N ASP A 70 20.35 21.51 11.31
CA ASP A 70 21.79 21.64 11.11
C ASP A 70 22.57 21.48 12.40
N GLU A 71 21.91 21.11 13.49
CA GLU A 71 22.58 21.01 14.79
C GLU A 71 23.14 19.61 15.01
N GLU A 72 24.41 19.55 15.40
CA GLU A 72 25.05 18.32 15.82
C GLU A 72 24.81 18.16 17.31
N VAL A 73 24.15 17.07 17.71
CA VAL A 73 23.71 16.88 19.09
C VAL A 73 24.36 15.63 19.65
N TRP A 74 24.91 15.75 20.86
CA TRP A 74 25.46 14.61 21.60
C TRP A 74 24.63 14.39 22.85
N THR A 75 24.26 13.14 23.09
CA THR A 75 23.74 12.69 24.37
C THR A 75 24.85 11.97 25.12
N SER A 76 24.56 11.61 26.37
CA SER A 76 25.52 10.86 27.17
C SER A 76 25.53 9.37 26.86
N ASP A 77 24.63 8.90 26.00
CA ASP A 77 24.47 7.48 25.71
C ASP A 77 25.38 7.10 24.54
N ILE A 78 26.67 7.03 24.85
CA ILE A 78 27.73 6.87 23.86
C ILE A 78 27.83 5.42 23.42
N GLN A 79 27.97 5.22 22.11
CA GLN A 79 28.08 3.89 21.51
C GLN A 79 29.24 3.87 20.51
N TYR A 80 29.69 2.66 20.16
CA TYR A 80 30.79 2.48 19.21
C TYR A 80 30.42 1.49 18.12
N GLN A 81 30.81 1.80 16.90
CA GLN A 81 30.79 0.86 15.79
C GLN A 81 32.18 0.28 15.63
N LEU A 82 32.29 -1.03 15.61
CA LEU A 82 33.56 -1.74 15.51
C LEU A 82 33.75 -2.28 14.09
N SER A 83 35.02 -2.34 13.65
CA SER A 83 35.30 -3.00 12.37
C SER A 83 35.11 -4.51 12.53
N PRO A 84 34.24 -5.15 11.74
CA PRO A 84 33.94 -6.57 12.01
C PRO A 84 35.14 -7.49 11.97
N PHE A 85 36.12 -7.21 11.10
CA PHE A 85 37.31 -8.04 10.98
C PHE A 85 38.43 -7.62 11.90
N ASN A 86 38.25 -6.54 12.64
CA ASN A 86 39.26 -6.08 13.58
C ASN A 86 38.54 -5.28 14.67
N HIS A 87 37.92 -5.99 15.61
CA HIS A 87 37.00 -5.32 16.51
C HIS A 87 37.70 -4.42 17.54
N ALA A 88 39.04 -4.48 17.63
CA ALA A 88 39.79 -3.48 18.37
C ALA A 88 39.74 -2.11 17.72
N HIS A 89 39.37 -2.03 16.44
CA HIS A 89 39.27 -0.77 15.73
C HIS A 89 37.85 -0.25 15.86
N LYS A 90 37.67 0.79 16.66
CA LYS A 90 36.40 1.51 16.73
C LYS A 90 36.35 2.46 15.54
N VAL A 91 35.52 2.16 14.55
CA VAL A 91 35.48 3.01 13.37
C VAL A 91 34.63 4.26 13.60
N ALA A 92 33.72 4.22 14.57
CA ALA A 92 32.91 5.38 14.85
C ALA A 92 32.52 5.38 16.31
N LYS A 93 32.41 6.57 16.87
CA LYS A 93 31.77 6.80 18.15
C LYS A 93 30.52 7.61 17.84
N PHE A 94 29.38 7.15 18.35
CA PHE A 94 28.12 7.86 18.09
C PHE A 94 27.33 7.89 19.39
N CYS A 95 26.10 8.34 19.33
CA CYS A 95 25.29 8.34 20.54
C CYS A 95 23.83 8.04 20.19
N TYR A 96 23.12 7.52 21.16
CA TYR A 96 21.71 7.22 21.00
C TYR A 96 20.86 8.44 21.38
N ALA A 97 19.98 8.85 20.47
CA ALA A 97 19.02 9.90 20.79
C ALA A 97 18.03 9.39 21.84
N ASP A 98 17.79 10.18 22.88
CA ASP A 98 16.76 9.82 23.83
C ASP A 98 15.39 10.26 23.34
N LYS A 99 14.35 9.87 24.10
CA LYS A 99 12.99 10.20 23.71
C LYS A 99 12.82 11.71 23.51
N ALA A 100 13.42 12.52 24.38
CA ALA A 100 13.29 13.97 24.25
C ALA A 100 13.90 14.46 22.94
N LEU A 101 15.09 13.97 22.60
CA LEU A 101 15.72 14.42 21.36
C LEU A 101 14.93 13.95 20.14
N LEU A 102 14.41 12.72 20.18
CA LEU A 102 13.59 12.22 19.07
C LEU A 102 12.36 13.08 18.88
N ASN A 103 11.72 13.50 19.98
CA ASN A 103 10.53 14.35 19.85
C ASN A 103 10.89 15.74 19.33
N ARG A 104 12.05 16.28 19.72
CA ARG A 104 12.50 17.53 19.12
C ARG A 104 12.77 17.36 17.62
N ALA A 105 13.31 16.21 17.22
CA ALA A 105 13.55 15.96 15.82
C ALA A 105 12.25 15.86 15.03
N ILE A 106 11.22 15.23 15.61
CA ILE A 106 9.90 15.16 14.97
C ILE A 106 9.36 16.56 14.78
N ASP A 107 9.37 17.38 15.84
CA ASP A 107 8.78 18.70 15.76
C ASP A 107 9.49 19.57 14.73
N ALA A 108 10.83 19.50 14.68
CA ALA A 108 11.57 20.30 13.72
C ALA A 108 11.32 19.83 12.29
N ALA A 109 11.20 18.51 12.09
CA ALA A 109 10.89 17.98 10.77
C ALA A 109 9.50 18.41 10.31
N LEU A 110 8.51 18.32 11.20
CA LEU A 110 7.16 18.70 10.80
C LEU A 110 7.09 20.16 10.36
N ALA A 111 7.89 21.04 10.98
CA ALA A 111 7.85 22.46 10.63
C ALA A 111 8.49 22.75 9.28
N ALA A 112 9.29 21.84 8.75
CA ALA A 112 9.91 22.00 7.44
C ALA A 112 9.11 21.33 6.34
N ARG A 113 8.13 20.51 6.71
CA ARG A 113 7.50 19.61 5.73
C ARG A 113 6.70 20.37 4.67
N LYS A 114 5.90 21.36 5.06
CA LYS A 114 4.99 21.95 4.09
C LYS A 114 5.74 22.60 2.93
N GLU A 115 6.81 23.35 3.22
CA GLU A 115 7.55 23.99 2.13
C GLU A 115 8.23 22.95 1.25
N TRP A 116 8.74 21.87 1.86
CA TRP A 116 9.40 20.83 1.08
C TRP A 116 8.40 20.11 0.17
N ASP A 117 7.21 19.83 0.71
CA ASP A 117 6.16 19.16 -0.05
C ASP A 117 5.66 20.04 -1.20
N LEU A 118 5.64 21.37 -1.02
CA LEU A 118 5.21 22.28 -2.06
C LEU A 118 6.24 22.49 -3.16
N LYS A 119 7.49 22.07 -2.95
CA LYS A 119 8.49 22.19 -4.00
C LYS A 119 8.09 21.33 -5.19
N PRO A 120 8.37 21.77 -6.42
CA PRO A 120 8.16 20.90 -7.57
C PRO A 120 8.94 19.60 -7.43
N MET A 121 8.35 18.52 -7.93
CA MET A 121 9.00 17.22 -7.86
C MET A 121 10.39 17.25 -8.47
N ALA A 122 10.55 17.98 -9.58
CA ALA A 122 11.86 18.04 -10.25
C ALA A 122 12.91 18.70 -9.38
N ASP A 123 12.52 19.66 -8.54
CA ASP A 123 13.50 20.32 -7.67
C ASP A 123 13.98 19.37 -6.56
N ARG A 124 13.06 18.60 -5.99
CA ARG A 124 13.48 17.58 -5.03
C ARG A 124 14.34 16.52 -5.69
N ALA A 125 13.94 16.06 -6.88
CA ALA A 125 14.72 15.07 -7.61
C ALA A 125 16.15 15.55 -7.87
N GLN A 126 16.32 16.85 -8.09
CA GLN A 126 17.66 17.38 -8.38
C GLN A 126 18.64 17.09 -7.25
N VAL A 127 18.17 17.14 -5.99
CA VAL A 127 19.03 16.81 -4.85
C VAL A 127 19.58 15.40 -4.99
N PHE A 128 18.71 14.44 -5.35
CA PHE A 128 19.12 13.05 -5.42
C PHE A 128 19.98 12.76 -6.65
N LEU A 129 19.72 13.45 -7.76
CA LEU A 129 20.58 13.31 -8.93
C LEU A 129 21.98 13.85 -8.63
N LYS A 130 22.06 14.97 -7.90
CA LYS A 130 23.36 15.51 -7.54
C LYS A 130 24.09 14.58 -6.57
N ALA A 131 23.38 14.05 -5.59
CA ALA A 131 23.98 13.09 -4.68
C ALA A 131 24.50 11.86 -5.43
N ALA A 132 23.70 11.36 -6.38
CA ALA A 132 24.13 10.22 -7.19
C ALA A 132 25.42 10.52 -7.94
N ASP A 133 25.54 11.72 -8.52
CA ASP A 133 26.77 12.05 -9.23
C ASP A 133 27.95 12.16 -8.27
N MET A 134 27.73 12.66 -7.06
CA MET A 134 28.81 12.72 -6.07
C MET A 134 29.28 11.32 -5.70
N LEU A 135 28.32 10.41 -5.45
CA LEU A 135 28.65 9.02 -5.13
C LEU A 135 29.35 8.34 -6.29
N SER A 136 28.97 8.67 -7.52
CA SER A 136 29.59 8.03 -8.68
C SER A 136 31.04 8.43 -8.82
N GLY A 137 31.34 9.70 -8.57
CA GLY A 137 32.64 10.26 -8.84
C GLY A 137 33.46 10.50 -7.60
N PRO A 138 33.44 11.74 -7.09
CA PRO A 138 34.41 12.14 -6.06
C PRO A 138 34.22 11.46 -4.72
N ARG A 139 33.04 10.94 -4.41
CA ARG A 139 32.80 10.31 -3.13
C ARG A 139 32.77 8.79 -3.20
N ARG A 140 33.03 8.21 -4.37
CA ARG A 140 32.90 6.76 -4.53
C ARG A 140 33.85 6.02 -3.60
N ALA A 141 35.13 6.39 -3.62
CA ALA A 141 36.11 5.69 -2.80
C ALA A 141 35.78 5.80 -1.33
N GLU A 142 35.32 6.97 -0.89
CA GLU A 142 34.97 7.17 0.52
C GLU A 142 33.84 6.23 0.96
N VAL A 143 32.74 6.20 0.21
CA VAL A 143 31.61 5.37 0.65
C VAL A 143 31.93 3.89 0.55
N LEU A 144 32.70 3.49 -0.47
CA LEU A 144 33.16 2.11 -0.55
C LEU A 144 34.04 1.76 0.65
N ALA A 145 35.04 2.58 0.93
CA ALA A 145 35.97 2.27 2.02
C ALA A 145 35.25 2.24 3.36
N LYS A 146 34.31 3.16 3.59
CA LYS A 146 33.58 3.15 4.86
C LYS A 146 32.68 1.93 4.99
N THR A 147 32.14 1.44 3.88
CA THR A 147 31.35 0.21 3.90
C THR A 147 32.26 -1.00 4.14
N MET A 148 33.45 -1.01 3.55
CA MET A 148 34.39 -2.11 3.78
C MET A 148 34.82 -2.16 5.24
N VAL A 149 35.31 -1.05 5.77
CA VAL A 149 35.90 -1.07 7.11
C VAL A 149 34.83 -1.18 8.18
N GLY A 150 33.67 -0.56 7.96
CA GLY A 150 32.63 -0.52 8.97
C GLY A 150 31.69 -1.71 8.95
N GLN A 151 31.40 -2.26 7.76
CA GLN A 151 30.46 -3.37 7.63
C GLN A 151 31.14 -4.66 7.21
N GLY A 152 32.46 -4.63 6.93
CA GLY A 152 33.17 -5.85 6.63
C GLY A 152 33.06 -6.32 5.20
N LYS A 153 32.63 -5.47 4.27
CA LYS A 153 32.49 -5.85 2.87
C LYS A 153 33.83 -5.88 2.15
N THR A 154 33.93 -6.78 1.17
CA THR A 154 35.02 -6.76 0.21
C THR A 154 34.82 -5.62 -0.79
N VAL A 155 35.85 -5.38 -1.59
CA VAL A 155 35.79 -4.32 -2.60
C VAL A 155 34.55 -4.46 -3.47
N ILE A 156 34.34 -5.65 -4.04
CA ILE A 156 33.24 -5.80 -5.00
C ILE A 156 31.89 -5.70 -4.30
N GLN A 157 31.76 -6.27 -3.10
CA GLN A 157 30.49 -6.16 -2.39
C GLN A 157 30.20 -4.71 -2.01
N ALA A 158 31.22 -3.94 -1.65
CA ALA A 158 31.00 -2.52 -1.38
C ALA A 158 30.62 -1.79 -2.66
N GLU A 159 31.29 -2.12 -3.76
CA GLU A 159 31.05 -1.44 -5.03
C GLU A 159 29.61 -1.63 -5.52
N ILE A 160 29.08 -2.86 -5.45
CA ILE A 160 27.73 -3.09 -5.94
C ILE A 160 26.67 -2.50 -5.03
N ASP A 161 27.05 -2.15 -3.80
CA ASP A 161 26.12 -1.66 -2.78
C ASP A 161 26.20 -0.14 -2.66
N ALA A 162 27.27 0.35 -2.01
CA ALA A 162 27.35 1.76 -1.64
C ALA A 162 27.52 2.66 -2.85
N ALA A 163 28.06 2.13 -3.95
CA ALA A 163 28.07 2.87 -5.20
C ALA A 163 26.87 2.46 -6.05
N ALA A 164 26.93 1.31 -6.74
CA ALA A 164 25.99 1.05 -7.82
C ALA A 164 24.53 1.04 -7.35
N GLU A 165 24.19 0.22 -6.34
CA GLU A 165 22.78 0.12 -5.96
C GLU A 165 22.25 1.44 -5.43
N LEU A 166 23.04 2.13 -4.59
CA LEU A 166 22.58 3.40 -4.02
C LEU A 166 22.42 4.45 -5.10
N ILE A 167 23.43 4.58 -5.97
CA ILE A 167 23.34 5.51 -7.10
C ILE A 167 22.12 5.23 -7.94
N ASP A 168 21.87 3.93 -8.23
CA ASP A 168 20.70 3.55 -9.02
C ASP A 168 19.40 3.90 -8.31
N PHE A 169 19.30 3.63 -7.00
CA PHE A 169 18.08 4.02 -6.29
C PHE A 169 17.82 5.51 -6.48
N PHE A 170 18.84 6.34 -6.29
CA PHE A 170 18.64 7.77 -6.38
C PHE A 170 18.24 8.19 -7.79
N ARG A 171 18.93 7.67 -8.81
CA ARG A 171 18.62 8.09 -10.18
C ARG A 171 17.28 7.54 -10.66
N PHE A 172 17.05 6.23 -10.46
CA PHE A 172 15.81 5.63 -10.94
C PHE A 172 14.60 6.16 -10.18
N ASN A 173 14.68 6.31 -8.85
CA ASN A 173 13.53 6.86 -8.16
C ASN A 173 13.25 8.29 -8.59
N ALA A 174 14.30 9.08 -8.85
CA ALA A 174 14.10 10.43 -9.38
C ALA A 174 13.35 10.38 -10.70
N LYS A 175 13.75 9.48 -11.61
CA LYS A 175 13.05 9.32 -12.88
C LYS A 175 11.60 8.88 -12.67
N PHE A 176 11.39 7.85 -11.83
CA PHE A 176 10.03 7.39 -11.58
C PHE A 176 9.15 8.50 -11.02
N ALA A 177 9.71 9.32 -10.14
CA ALA A 177 8.93 10.37 -9.48
C ALA A 177 8.55 11.48 -10.46
N VAL A 178 9.49 11.90 -11.30
CA VAL A 178 9.19 12.93 -12.30
C VAL A 178 8.19 12.40 -13.31
N GLU A 179 8.32 11.13 -13.71
CA GLU A 179 7.36 10.54 -14.64
C GLU A 179 5.98 10.43 -14.00
N LEU A 180 5.92 10.12 -12.70
CA LEU A 180 4.64 9.97 -12.02
C LEU A 180 3.80 11.26 -12.11
N GLU A 181 4.47 12.42 -12.05
CA GLU A 181 3.75 13.68 -12.22
C GLU A 181 3.02 13.76 -13.55
N GLY A 182 3.51 13.04 -14.57
CA GLY A 182 2.83 13.03 -15.86
C GLY A 182 1.61 12.15 -15.92
N GLU A 183 1.35 11.36 -14.88
CA GLU A 183 0.18 10.49 -14.83
C GLU A 183 -0.99 11.31 -14.31
N GLN A 184 -1.78 11.86 -15.23
CA GLN A 184 -2.84 12.80 -14.92
C GLN A 184 -4.17 12.26 -15.43
N PRO A 185 -5.28 12.65 -14.81
CA PRO A 185 -6.58 12.10 -15.19
C PRO A 185 -7.12 12.77 -16.45
N ILE A 186 -8.28 12.29 -16.90
CA ILE A 186 -8.97 12.83 -18.05
C ILE A 186 -9.64 14.14 -17.65
N SER A 187 -9.55 15.14 -18.51
CA SER A 187 -10.32 16.36 -18.36
C SER A 187 -11.37 16.45 -19.45
N VAL A 188 -12.59 16.82 -19.07
CA VAL A 188 -13.69 17.00 -20.01
C VAL A 188 -14.24 18.40 -19.79
N PRO A 189 -14.26 19.26 -20.81
CA PRO A 189 -14.82 20.61 -20.64
C PRO A 189 -16.21 20.55 -20.03
N PRO A 190 -16.59 21.53 -19.21
CA PRO A 190 -15.82 22.74 -18.88
C PRO A 190 -14.99 22.59 -17.59
N SER A 191 -14.34 21.45 -17.38
CA SER A 191 -13.58 21.22 -16.17
C SER A 191 -12.20 20.67 -16.51
N THR A 192 -11.22 21.04 -15.71
CA THR A 192 -9.87 20.51 -15.80
CA THR A 192 -9.86 20.53 -15.80
C THR A 192 -9.53 19.80 -14.51
N ASN A 193 -8.93 18.62 -14.63
CA ASN A 193 -8.58 17.79 -13.48
C ASN A 193 -7.08 17.62 -13.42
N HIS A 194 -6.54 17.71 -12.21
CA HIS A 194 -5.10 17.62 -12.00
C HIS A 194 -4.85 16.81 -10.74
N THR A 195 -3.95 15.84 -10.82
CA THR A 195 -3.54 15.10 -9.64
C THR A 195 -2.27 15.71 -9.06
N VAL A 196 -2.32 16.02 -7.77
CA VAL A 196 -1.18 16.52 -6.99
C VAL A 196 -0.67 15.35 -6.15
N TYR A 197 0.58 14.96 -6.36
CA TYR A 197 1.17 13.85 -5.62
C TYR A 197 1.77 14.40 -4.32
N ARG A 198 0.89 14.58 -3.34
CA ARG A 198 1.29 15.11 -2.04
C ARG A 198 2.18 14.11 -1.32
N GLY A 199 3.15 14.62 -0.57
CA GLY A 199 3.76 13.79 0.45
C GLY A 199 2.76 13.41 1.52
N LEU A 200 3.10 12.39 2.29
CA LEU A 200 2.25 12.03 3.41
C LEU A 200 2.32 13.13 4.46
N GLU A 201 1.20 13.34 5.16
CA GLU A 201 1.10 14.37 6.18
C GLU A 201 1.56 13.78 7.51
N GLY A 202 2.67 14.30 8.04
CA GLY A 202 3.28 13.78 9.24
C GLY A 202 4.75 13.54 8.98
N PHE A 203 5.37 12.61 9.70
CA PHE A 203 6.73 12.21 9.42
C PHE A 203 6.81 10.70 9.21
N VAL A 204 7.83 10.29 8.47
CA VAL A 204 8.12 8.90 8.17
C VAL A 204 9.32 8.48 9.00
N ALA A 205 9.25 7.33 9.65
CA ALA A 205 10.37 6.75 10.36
C ALA A 205 11.06 5.74 9.45
N ALA A 206 12.34 5.97 9.13
CA ALA A 206 13.13 5.06 8.31
C ALA A 206 14.08 4.30 9.23
N ILE A 207 14.00 2.97 9.19
CA ILE A 207 14.72 2.08 10.09
C ILE A 207 15.48 1.10 9.22
N SER A 208 16.81 1.21 9.20
CA SER A 208 17.58 0.51 8.19
C SER A 208 18.49 -0.56 8.79
N PRO A 209 18.85 -1.56 7.98
CA PRO A 209 19.65 -2.69 8.47
C PRO A 209 21.14 -2.48 8.22
N PHE A 210 21.94 -3.38 8.80
CA PHE A 210 23.39 -3.22 8.70
C PHE A 210 23.95 -3.58 7.33
N ASN A 211 23.23 -4.38 6.55
CA ASN A 211 23.91 -5.19 5.55
C ASN A 211 24.05 -4.53 4.19
N PHE A 212 23.31 -3.45 3.92
CA PHE A 212 23.48 -2.70 2.68
C PHE A 212 23.42 -1.21 2.98
N THR A 213 24.52 -0.53 2.71
CA THR A 213 24.53 0.93 2.77
C THR A 213 23.44 1.52 1.88
N ALA A 214 23.21 0.91 0.72
CA ALA A 214 22.21 1.44 -0.22
C ALA A 214 20.79 1.37 0.34
N ILE A 215 20.48 0.33 1.14
CA ILE A 215 19.12 0.21 1.67
C ILE A 215 18.81 1.36 2.60
N GLY A 216 19.76 1.73 3.46
CA GLY A 216 19.55 2.89 4.31
C GLY A 216 19.30 4.15 3.52
N GLY A 217 20.12 4.39 2.49
CA GLY A 217 19.92 5.56 1.66
C GLY A 217 18.55 5.59 1.01
N ASN A 218 18.08 4.42 0.55
CA ASN A 218 16.77 4.35 -0.10
C ASN A 218 15.62 4.48 0.90
N LEU A 219 15.75 3.85 2.08
CA LEU A 219 14.66 3.89 3.05
C LEU A 219 14.36 5.30 3.51
N ALA A 220 15.40 6.12 3.70
CA ALA A 220 15.23 7.52 4.08
C ALA A 220 15.02 8.41 2.86
N GLY A 221 15.73 8.11 1.77
CA GLY A 221 15.74 8.97 0.59
C GLY A 221 14.50 8.91 -0.27
N ALA A 222 13.94 7.72 -0.49
CA ALA A 222 12.74 7.63 -1.33
C ALA A 222 11.57 8.39 -0.73
N PRO A 223 11.25 8.28 0.58
CA PRO A 223 10.16 9.11 1.10
C PRO A 223 10.48 10.58 1.01
N ALA A 224 11.73 10.99 1.28
CA ALA A 224 12.06 12.41 1.19
C ALA A 224 11.88 12.93 -0.22
N LEU A 225 12.27 12.13 -1.24
CA LEU A 225 12.07 12.53 -2.63
C LEU A 225 10.60 12.87 -2.90
N MET A 226 9.68 12.12 -2.29
CA MET A 226 8.25 12.30 -2.53
C MET A 226 7.63 13.37 -1.65
N GLY A 227 8.43 14.21 -1.01
CA GLY A 227 7.91 15.32 -0.25
C GLY A 227 7.68 15.03 1.21
N ASN A 228 8.17 13.91 1.71
CA ASN A 228 8.06 13.59 3.12
C ASN A 228 9.25 14.12 3.90
N VAL A 229 9.06 14.21 5.21
CA VAL A 229 10.16 14.43 6.15
C VAL A 229 10.34 13.16 6.96
N VAL A 230 11.58 12.91 7.41
CA VAL A 230 12.01 11.57 7.80
C VAL A 230 12.87 11.66 9.06
N LEU A 231 12.59 10.79 10.03
CA LEU A 231 13.56 10.46 11.08
C LEU A 231 14.24 9.16 10.66
N TRP A 232 15.53 9.24 10.37
CA TRP A 232 16.31 8.08 9.96
C TRP A 232 17.09 7.55 11.14
N LYS A 233 16.74 6.36 11.61
CA LYS A 233 17.53 5.62 12.57
C LYS A 233 18.40 4.61 11.81
N PRO A 234 19.67 4.90 11.56
CA PRO A 234 20.51 3.94 10.85
C PRO A 234 20.89 2.79 11.76
N SER A 235 21.40 1.73 11.14
CA SER A 235 21.89 0.59 11.89
C SER A 235 23.18 0.97 12.61
N ASP A 236 23.28 0.60 13.89
CA ASP A 236 24.51 0.83 14.68
C ASP A 236 25.74 0.33 13.93
N THR A 237 25.63 -0.85 13.33
CA THR A 237 26.76 -1.52 12.74
C THR A 237 27.05 -1.05 11.32
N ALA A 238 26.29 -0.06 10.81
CA ALA A 238 26.59 0.58 9.53
C ALA A 238 26.69 2.09 9.69
N MET A 239 27.02 2.58 10.88
CA MET A 239 26.93 4.00 11.19
C MET A 239 27.84 4.83 10.29
N LEU A 240 29.09 4.41 10.12
CA LEU A 240 30.08 5.19 9.39
C LEU A 240 29.65 5.48 7.96
N ALA A 241 29.27 4.43 7.22
CA ALA A 241 28.86 4.64 5.84
C ALA A 241 27.50 5.33 5.77
N SER A 242 26.60 5.07 6.72
CA SER A 242 25.29 5.72 6.69
C SER A 242 25.44 7.23 6.86
N TYR A 243 26.29 7.65 7.79
CA TYR A 243 26.51 9.09 7.96
C TYR A 243 27.18 9.69 6.75
N ALA A 244 28.05 8.94 6.06
CA ALA A 244 28.65 9.47 4.85
C ALA A 244 27.59 9.77 3.80
N VAL A 245 26.61 8.88 3.66
CA VAL A 245 25.50 9.10 2.73
C VAL A 245 24.68 10.31 3.17
N TYR A 246 24.39 10.41 4.47
CA TYR A 246 23.64 11.55 4.99
C TYR A 246 24.33 12.87 4.63
N ARG A 247 25.64 12.96 4.88
CA ARG A 247 26.36 14.19 4.60
C ARG A 247 26.34 14.51 3.12
N ILE A 248 26.46 13.48 2.28
CA ILE A 248 26.41 13.70 0.84
C ILE A 248 25.05 14.29 0.44
N LEU A 249 23.97 13.77 1.00
CA LEU A 249 22.65 14.33 0.72
C LEU A 249 22.56 15.79 1.14
N ARG A 250 23.07 16.13 2.33
CA ARG A 250 23.05 17.53 2.75
C ARG A 250 23.88 18.41 1.82
N GLU A 251 25.07 17.92 1.43
CA GLU A 251 25.93 18.71 0.55
C GLU A 251 25.34 18.83 -0.85
N ALA A 252 24.51 17.87 -1.27
CA ALA A 252 23.82 17.93 -2.55
C ALA A 252 22.62 18.86 -2.54
N GLY A 253 22.31 19.48 -1.39
CA GLY A 253 21.25 20.46 -1.32
C GLY A 253 20.04 20.09 -0.51
N LEU A 254 20.02 18.93 0.16
CA LEU A 254 18.87 18.59 0.99
C LEU A 254 18.75 19.62 2.11
N PRO A 255 17.62 20.32 2.25
CA PRO A 255 17.50 21.38 3.26
C PRO A 255 17.49 20.83 4.67
N PRO A 256 17.68 21.68 5.68
CA PRO A 256 17.59 21.20 7.07
C PRO A 256 16.21 20.66 7.40
N ASN A 257 16.19 19.64 8.26
CA ASN A 257 14.98 19.09 8.85
C ASN A 257 14.16 18.24 7.91
N ILE A 258 14.69 17.88 6.74
CA ILE A 258 14.01 16.94 5.84
C ILE A 258 14.34 15.50 6.21
N ILE A 259 15.61 15.20 6.47
CA ILE A 259 16.02 13.94 7.05
C ILE A 259 16.79 14.26 8.32
N GLN A 260 16.29 13.77 9.46
CA GLN A 260 16.99 13.88 10.73
C GLN A 260 17.81 12.61 10.91
N PHE A 261 19.09 12.76 11.25
CA PHE A 261 19.99 11.63 11.43
C PHE A 261 19.99 11.28 12.92
N VAL A 262 19.22 10.26 13.30
CA VAL A 262 18.94 10.00 14.71
C VAL A 262 19.21 8.54 15.10
N PRO A 263 20.48 8.14 15.21
CA PRO A 263 20.79 6.87 15.86
C PRO A 263 20.08 6.79 17.21
N ALA A 264 19.68 5.58 17.58
CA ALA A 264 18.93 5.40 18.82
C ALA A 264 18.85 3.92 19.14
N ASP A 265 18.59 3.63 20.42
CA ASP A 265 18.22 2.27 20.79
C ASP A 265 16.97 1.87 20.02
N GLY A 266 16.97 0.66 19.48
CA GLY A 266 15.87 0.21 18.63
C GLY A 266 14.51 0.34 19.28
N PRO A 267 14.30 -0.36 20.38
CA PRO A 267 13.01 -0.27 21.08
C PRO A 267 12.64 1.15 21.49
N THR A 268 13.62 1.95 21.94
CA THR A 268 13.32 3.33 22.29
C THR A 268 12.82 4.10 21.08
N PHE A 269 13.47 3.91 19.93
CA PHE A 269 13.05 4.59 18.71
C PHE A 269 11.64 4.16 18.30
N GLY A 270 11.40 2.85 18.26
CA GLY A 270 10.09 2.35 17.88
C GLY A 270 8.99 2.82 18.81
N ASP A 271 9.25 2.79 20.13
CA ASP A 271 8.26 3.25 21.09
C ASP A 271 7.94 4.72 20.85
N THR A 272 8.98 5.53 20.59
CA THR A 272 8.77 6.97 20.45
C THR A 272 8.00 7.30 19.17
N VAL A 273 8.40 6.71 18.04
CA VAL A 273 7.75 7.09 16.79
C VAL A 273 6.32 6.58 16.73
N THR A 274 6.07 5.37 17.25
CA THR A 274 4.71 4.84 17.23
C THR A 274 3.81 5.51 18.27
N SER A 275 4.37 6.28 19.19
CA SER A 275 3.59 7.06 20.15
C SER A 275 3.28 8.46 19.66
N SER A 276 3.84 8.89 18.54
CA SER A 276 3.63 10.25 18.04
C SER A 276 2.35 10.33 17.25
N GLU A 277 1.51 11.33 17.55
CA GLU A 277 0.30 11.54 16.76
C GLU A 277 0.62 11.88 15.30
N HIS A 278 1.87 12.22 14.99
CA HIS A 278 2.23 12.69 13.65
C HIS A 278 2.90 11.62 12.81
N LEU A 279 2.97 10.39 13.28
CA LEU A 279 3.55 9.33 12.46
C LEU A 279 2.66 9.07 11.26
N CYS A 280 3.25 9.07 10.06
CA CYS A 280 2.48 8.70 8.88
C CYS A 280 3.06 7.53 8.11
N GLY A 281 4.23 7.04 8.49
CA GLY A 281 4.78 5.92 7.77
C GLY A 281 5.99 5.35 8.49
N ILE A 282 6.22 4.06 8.29
CA ILE A 282 7.45 3.40 8.74
C ILE A 282 7.99 2.68 7.53
N ASN A 283 9.24 2.98 7.18
CA ASN A 283 9.93 2.32 6.08
C ASN A 283 11.05 1.49 6.71
N PHE A 284 10.86 0.17 6.73
CA PHE A 284 11.66 -0.75 7.54
C PHE A 284 12.30 -1.81 6.67
N THR A 285 13.52 -2.20 7.04
CA THR A 285 14.11 -3.44 6.55
C THR A 285 14.89 -4.08 7.68
N GLY A 286 14.66 -5.38 7.89
CA GLY A 286 15.19 -6.05 9.07
C GLY A 286 14.42 -7.33 9.32
N SER A 287 14.35 -7.72 10.59
CA SER A 287 13.77 -9.02 10.96
C SER A 287 12.25 -8.98 11.01
N VAL A 288 11.64 -10.15 10.77
CA VAL A 288 10.19 -10.30 10.89
C VAL A 288 9.67 -9.89 12.27
N PRO A 289 10.24 -10.36 13.38
CA PRO A 289 9.64 -10.01 14.68
C PRO A 289 9.64 -8.53 14.94
N THR A 290 10.68 -7.82 14.52
CA THR A 290 10.71 -6.37 14.74
C THR A 290 9.61 -5.68 13.95
N PHE A 291 9.46 -6.03 12.67
CA PHE A 291 8.39 -5.44 11.85
C PHE A 291 7.01 -5.73 12.43
N LYS A 292 6.77 -6.98 12.87
CA LYS A 292 5.48 -7.30 13.47
C LYS A 292 5.24 -6.49 14.73
N HIS A 293 6.28 -6.30 15.55
CA HIS A 293 6.14 -5.51 16.76
C HIS A 293 5.73 -4.09 16.44
N LEU A 294 6.40 -3.46 15.47
CA LEU A 294 6.05 -2.10 15.07
C LEU A 294 4.61 -2.04 14.52
N TRP A 295 4.23 -3.03 13.70
CA TRP A 295 2.86 -3.08 13.19
C TRP A 295 1.86 -3.14 14.33
N ARG A 296 2.14 -3.95 15.36
CA ARG A 296 1.23 -4.05 16.49
C ARG A 296 1.18 -2.77 17.32
N GLN A 297 2.32 -2.08 17.47
CA GLN A 297 2.31 -0.82 18.20
C GLN A 297 1.50 0.24 17.47
N VAL A 298 1.62 0.30 16.16
CA VAL A 298 0.82 1.25 15.39
C VAL A 298 -0.66 0.95 15.55
N ALA A 299 -1.02 -0.33 15.48
CA ALA A 299 -2.43 -0.71 15.62
C ALA A 299 -2.98 -0.32 16.98
N GLN A 300 -2.20 -0.53 18.05
CA GLN A 300 -2.66 -0.17 19.38
C GLN A 300 -2.94 1.32 19.49
N ASN A 301 -2.21 2.14 18.72
CA ASN A 301 -2.24 3.59 18.87
C ASN A 301 -3.05 4.30 17.80
N LEU A 302 -3.91 3.57 17.07
CA LEU A 302 -4.64 4.19 15.96
C LEU A 302 -5.41 5.43 16.38
N ASP A 303 -5.96 5.42 17.61
CA ASP A 303 -6.79 6.55 18.02
C ASP A 303 -6.01 7.83 18.23
N ARG A 304 -4.68 7.77 18.27
CA ARG A 304 -3.89 8.99 18.47
C ARG A 304 -3.38 9.60 17.18
N PHE A 305 -3.33 8.84 16.09
CA PHE A 305 -2.72 9.36 14.87
C PHE A 305 -3.69 10.26 14.12
N ARG A 306 -3.14 11.27 13.46
CA ARG A 306 -3.94 12.09 12.54
C ARG A 306 -4.36 11.30 11.31
N THR A 307 -3.53 10.39 10.82
CA THR A 307 -3.91 9.56 9.70
C THR A 307 -3.37 8.15 9.89
N PHE A 308 -3.82 7.24 9.03
CA PHE A 308 -3.42 5.85 9.13
C PHE A 308 -1.99 5.68 8.66
N PRO A 309 -1.05 5.30 9.53
CA PRO A 309 0.34 5.17 9.08
C PRO A 309 0.50 4.04 8.09
N ARG A 310 1.42 4.24 7.14
CA ARG A 310 1.73 3.25 6.12
C ARG A 310 3.00 2.50 6.50
N LEU A 311 2.89 1.20 6.67
CA LEU A 311 4.03 0.37 7.06
C LEU A 311 4.54 -0.38 5.84
N ALA A 312 5.83 -0.22 5.57
CA ALA A 312 6.50 -0.95 4.51
C ALA A 312 7.64 -1.73 5.16
N GLY A 313 7.70 -3.02 4.89
CA GLY A 313 8.74 -3.85 5.49
C GLY A 313 9.26 -4.89 4.54
N GLU A 314 10.59 -5.01 4.43
CA GLU A 314 11.22 -6.17 3.81
C GLU A 314 11.95 -6.92 4.91
N CYS A 315 11.66 -8.22 5.04
CA CYS A 315 11.98 -8.97 6.25
C CYS A 315 12.81 -10.23 6.01
N GLY A 316 13.53 -10.33 4.92
CA GLY A 316 14.43 -11.45 4.75
C GLY A 316 13.75 -12.72 4.26
N GLY A 317 14.51 -13.81 4.25
CA GLY A 317 14.06 -15.01 3.58
C GLY A 317 14.84 -16.24 4.00
N LYS A 318 14.37 -17.39 3.50
CA LYS A 318 15.12 -18.66 3.58
C LYS A 318 15.16 -19.14 2.14
N ASN A 319 16.14 -18.65 1.39
CA ASN A 319 16.08 -18.69 -0.05
C ASN A 319 16.72 -19.95 -0.61
N PHE A 320 16.17 -20.43 -1.73
CA PHE A 320 16.55 -21.72 -2.27
C PHE A 320 17.27 -21.60 -3.62
N HIS A 321 18.13 -22.58 -3.88
CA HIS A 321 18.55 -22.94 -5.23
C HIS A 321 18.07 -24.37 -5.47
N PHE A 322 17.20 -24.57 -6.46
CA PHE A 322 16.67 -25.88 -6.77
C PHE A 322 17.32 -26.34 -8.07
N VAL A 323 17.93 -27.52 -8.05
CA VAL A 323 18.67 -28.05 -9.20
C VAL A 323 17.90 -29.22 -9.78
N HIS A 324 17.67 -29.17 -11.09
CA HIS A 324 17.17 -30.31 -11.85
C HIS A 324 18.36 -31.01 -12.49
N SER A 325 18.18 -32.31 -12.79
CA SER A 325 19.29 -33.11 -13.31
C SER A 325 19.85 -32.59 -14.62
N SER A 326 19.11 -31.77 -15.36
CA SER A 326 19.57 -31.19 -16.62
C SER A 326 20.43 -29.94 -16.42
N ALA A 327 20.68 -29.53 -15.17
CA ALA A 327 21.36 -28.27 -14.92
C ALA A 327 22.81 -28.30 -15.40
N ASP A 328 23.32 -27.12 -15.69
CA ASP A 328 24.76 -26.93 -15.91
C ASP A 328 25.43 -26.89 -14.54
N VAL A 329 26.23 -27.92 -14.24
CA VAL A 329 26.81 -28.08 -12.92
C VAL A 329 27.74 -26.93 -12.58
N ASP A 330 28.53 -26.46 -13.56
CA ASP A 330 29.46 -25.36 -13.26
C ASP A 330 28.70 -24.12 -12.83
N SER A 331 27.56 -23.84 -13.45
CA SER A 331 26.77 -22.67 -13.06
C SER A 331 26.13 -22.87 -11.68
N VAL A 332 25.64 -24.08 -11.40
CA VAL A 332 25.14 -24.39 -10.06
C VAL A 332 26.22 -24.11 -9.01
N VAL A 333 27.45 -24.57 -9.26
CA VAL A 333 28.49 -24.47 -8.24
C VAL A 333 28.90 -23.02 -8.03
N SER A 334 29.22 -22.30 -9.12
CA SER A 334 29.64 -20.92 -8.93
C SER A 334 28.52 -20.04 -8.40
N GLY A 335 27.30 -20.20 -8.92
CA GLY A 335 26.19 -19.40 -8.43
C GLY A 335 25.85 -19.68 -6.98
N THR A 336 25.92 -20.95 -6.58
CA THR A 336 25.59 -21.30 -5.20
C THR A 336 26.67 -20.85 -4.22
N LEU A 337 27.95 -21.01 -4.57
CA LEU A 337 29.00 -20.51 -3.70
C LEU A 337 28.89 -19.01 -3.50
N ARG A 338 28.63 -18.27 -4.59
CA ARG A 338 28.48 -16.82 -4.46
C ARG A 338 27.25 -16.46 -3.65
N SER A 339 26.10 -17.06 -3.97
CA SER A 339 24.88 -16.67 -3.28
C SER A 339 24.94 -17.01 -1.79
N ALA A 340 25.53 -18.16 -1.46
CA ALA A 340 25.56 -18.59 -0.06
C ALA A 340 26.61 -17.86 0.76
N PHE A 341 27.75 -17.50 0.16
CA PHE A 341 28.90 -17.06 0.94
C PHE A 341 29.38 -15.64 0.70
N GLU A 342 28.98 -14.98 -0.39
CA GLU A 342 29.38 -13.58 -0.53
C GLU A 342 28.81 -12.76 0.62
N TYR A 343 29.61 -11.81 1.11
CA TYR A 343 29.29 -11.04 2.31
C TYR A 343 28.91 -11.96 3.48
N GLY A 344 29.53 -13.13 3.55
CA GLY A 344 29.27 -14.03 4.65
C GLY A 344 27.84 -14.54 4.71
N GLY A 345 27.14 -14.56 3.59
CA GLY A 345 25.75 -14.97 3.64
C GLY A 345 24.81 -13.98 4.30
N GLN A 346 25.27 -12.76 4.58
CA GLN A 346 24.50 -11.76 5.31
C GLN A 346 23.64 -10.94 4.37
N LYS A 347 22.85 -11.62 3.55
CA LYS A 347 21.95 -10.98 2.60
C LYS A 347 20.57 -11.59 2.76
N CYS A 348 19.56 -10.71 2.70
CA CYS A 348 18.17 -11.14 2.67
CA CYS A 348 18.17 -11.16 2.69
C CYS A 348 17.88 -12.12 1.54
N SER A 349 18.69 -12.08 0.48
CA SER A 349 18.51 -12.86 -0.74
C SER A 349 19.43 -14.08 -0.83
N ALA A 350 20.31 -14.29 0.14
CA ALA A 350 21.33 -15.34 0.06
C ALA A 350 20.70 -16.73 0.03
N CYS A 351 21.26 -17.60 -0.80
CA CYS A 351 20.86 -19.00 -0.81
C CYS A 351 21.35 -19.69 0.44
N SER A 352 20.44 -20.31 1.18
CA SER A 352 20.80 -21.11 2.32
C SER A 352 20.27 -22.55 2.26
N ARG A 353 19.46 -22.89 1.28
CA ARG A 353 19.01 -24.27 1.09
C ARG A 353 19.19 -24.64 -0.38
N LEU A 354 19.95 -25.71 -0.63
CA LEU A 354 20.24 -26.20 -1.98
C LEU A 354 19.61 -27.58 -2.13
N TYR A 355 18.84 -27.78 -3.20
CA TYR A 355 18.16 -29.04 -3.46
C TYR A 355 18.82 -29.66 -4.70
N VAL A 356 19.38 -30.85 -4.54
CA VAL A 356 20.19 -31.50 -5.58
C VAL A 356 19.66 -32.89 -5.88
N PRO A 357 19.50 -33.28 -7.15
CA PRO A 357 19.11 -34.66 -7.45
C PRO A 357 20.27 -35.61 -7.21
N LYS A 358 19.94 -36.82 -6.75
CA LYS A 358 20.96 -37.82 -6.46
C LYS A 358 21.93 -38.00 -7.62
N SER A 359 21.43 -37.96 -8.86
CA SER A 359 22.28 -38.23 -10.01
C SER A 359 23.43 -37.21 -10.14
N LEU A 360 23.21 -35.96 -9.72
CA LEU A 360 24.22 -34.92 -9.82
C LEU A 360 24.99 -34.70 -8.52
N TRP A 361 24.59 -35.34 -7.44
CA TRP A 361 25.21 -35.04 -6.15
C TRP A 361 26.69 -35.35 -6.09
N PRO A 362 27.20 -36.47 -6.61
CA PRO A 362 28.66 -36.66 -6.57
C PRO A 362 29.44 -35.52 -7.22
N GLN A 363 28.96 -35.00 -8.36
CA GLN A 363 29.63 -33.87 -8.99
C GLN A 363 29.52 -32.62 -8.14
N ILE A 364 28.31 -32.31 -7.69
CA ILE A 364 28.10 -31.04 -6.99
C ILE A 364 28.79 -31.06 -5.63
N LYS A 365 28.71 -32.20 -4.92
CA LYS A 365 29.44 -32.32 -3.65
C LYS A 365 30.94 -32.16 -3.87
N GLY A 366 31.49 -32.89 -4.84
CA GLY A 366 32.94 -32.84 -5.04
C GLY A 366 33.43 -31.45 -5.42
N ARG A 367 32.71 -30.78 -6.31
CA ARG A 367 33.11 -29.43 -6.71
C ARG A 367 32.93 -28.43 -5.58
N LEU A 368 31.80 -28.50 -4.87
CA LEU A 368 31.60 -27.58 -3.74
C LEU A 368 32.71 -27.73 -2.70
N LEU A 369 33.10 -28.97 -2.38
CA LEU A 369 34.08 -29.18 -1.31
C LEU A 369 35.47 -28.77 -1.76
N GLU A 370 35.79 -28.99 -3.03
CA GLU A 370 37.08 -28.55 -3.54
CA GLU A 370 37.08 -28.55 -3.54
C GLU A 370 37.16 -27.03 -3.62
N GLU A 371 36.14 -26.39 -4.18
CA GLU A 371 36.15 -24.92 -4.26
C GLU A 371 36.12 -24.29 -2.87
N HIS A 372 35.41 -24.91 -1.92
CA HIS A 372 35.38 -24.41 -0.55
C HIS A 372 36.77 -24.23 0.04
N SER A 373 37.67 -25.18 -0.22
CA SER A 373 39.03 -25.08 0.31
C SER A 373 39.80 -23.90 -0.28
N ARG A 374 39.36 -23.35 -1.41
CA ARG A 374 40.03 -22.22 -2.04
C ARG A 374 39.41 -20.88 -1.67
N ILE A 375 38.35 -20.87 -0.86
CA ILE A 375 37.75 -19.62 -0.42
C ILE A 375 38.65 -18.96 0.61
N LYS A 376 39.00 -17.69 0.37
CA LYS A 376 39.85 -16.93 1.26
C LYS A 376 38.98 -16.07 2.18
N VAL A 377 39.08 -16.31 3.48
CA VAL A 377 38.41 -15.52 4.50
C VAL A 377 39.48 -14.69 5.20
N GLY A 378 39.30 -13.38 5.24
CA GLY A 378 40.32 -12.53 5.83
C GLY A 378 39.94 -11.07 5.76
N ASP A 379 40.96 -10.24 5.93
CA ASP A 379 40.82 -8.78 6.00
C ASP A 379 40.63 -8.22 4.59
N PRO A 380 39.46 -7.64 4.29
CA PRO A 380 39.19 -7.19 2.92
C PRO A 380 39.91 -5.90 2.55
N ALA A 381 40.32 -5.10 3.53
CA ALA A 381 41.07 -3.88 3.22
C ALA A 381 42.52 -4.19 2.92
N GLU A 382 43.06 -5.25 3.53
CA GLU A 382 44.48 -5.58 3.37
C GLU A 382 44.72 -6.58 2.26
N ASP A 383 43.73 -7.37 1.89
CA ASP A 383 43.90 -8.45 0.91
C ASP A 383 42.70 -8.41 -0.02
N PHE A 384 42.88 -7.83 -1.20
CA PHE A 384 41.82 -7.80 -2.19
C PHE A 384 41.53 -9.19 -2.78
N GLY A 385 42.31 -10.20 -2.43
CA GLY A 385 42.00 -11.57 -2.78
C GLY A 385 40.95 -12.21 -1.89
N THR A 386 40.52 -11.52 -0.83
CA THR A 386 39.55 -12.06 0.11
C THR A 386 38.23 -12.33 -0.60
N PHE A 387 37.66 -13.52 -0.35
CA PHE A 387 36.32 -13.83 -0.87
C PHE A 387 35.25 -13.18 -0.01
N PHE A 388 35.33 -13.37 1.32
CA PHE A 388 34.47 -12.67 2.26
C PHE A 388 35.20 -12.56 3.58
N SER A 389 34.69 -11.69 4.46
CA SER A 389 35.33 -11.40 5.73
C SER A 389 34.44 -11.77 6.91
N ALA A 390 34.77 -11.22 8.08
CA ALA A 390 34.05 -11.48 9.31
C ALA A 390 32.59 -11.06 9.20
N VAL A 391 31.73 -11.73 10.00
CA VAL A 391 30.33 -11.33 10.15
C VAL A 391 30.24 -10.07 11.01
N ILE A 392 29.03 -9.51 11.12
CA ILE A 392 28.93 -8.08 11.41
C ILE A 392 29.29 -7.76 12.86
N ASP A 393 28.89 -8.59 13.83
CA ASP A 393 29.07 -8.22 15.23
C ASP A 393 29.01 -9.46 16.11
N ALA A 394 29.17 -9.23 17.42
CA ALA A 394 29.25 -10.33 18.37
C ALA A 394 27.94 -11.10 18.46
N LYS A 395 26.80 -10.39 18.35
CA LYS A 395 25.51 -11.08 18.41
C LYS A 395 25.31 -11.99 17.22
N ALA A 396 25.67 -11.52 16.02
CA ALA A 396 25.57 -12.38 14.84
C ALA A 396 26.50 -13.57 14.96
N PHE A 397 27.74 -13.34 15.40
CA PHE A 397 28.68 -14.43 15.60
C PHE A 397 28.11 -15.49 16.53
N ALA A 398 27.50 -15.05 17.65
CA ALA A 398 26.97 -16.00 18.62
C ALA A 398 25.80 -16.78 18.05
N ARG A 399 24.91 -16.11 17.30
CA ARG A 399 23.79 -16.82 16.68
C ARG A 399 24.28 -17.85 15.68
N ILE A 400 25.22 -17.47 14.82
CA ILE A 400 25.73 -18.39 13.81
C ILE A 400 26.43 -19.57 14.46
N LYS A 401 27.23 -19.32 15.50
CA LYS A 401 27.87 -20.42 16.21
C LYS A 401 26.84 -21.39 16.79
N LYS A 402 25.71 -20.88 17.28
CA LYS A 402 24.68 -21.77 17.78
C LYS A 402 24.16 -22.68 16.67
N TRP A 403 24.03 -22.16 15.45
CA TRP A 403 23.60 -23.01 14.34
C TRP A 403 24.65 -24.04 13.97
N LEU A 404 25.94 -23.67 14.05
CA LEU A 404 26.98 -24.65 13.78
C LEU A 404 26.99 -25.74 14.84
N GLU A 405 26.79 -25.37 16.11
CA GLU A 405 26.69 -26.35 17.18
C GLU A 405 25.48 -27.27 16.98
N HIS A 406 24.36 -26.71 16.51
CA HIS A 406 23.20 -27.53 16.16
C HIS A 406 23.54 -28.53 15.05
N ALA A 407 24.28 -28.09 14.03
CA ALA A 407 24.66 -28.98 12.94
C ALA A 407 25.58 -30.09 13.42
N ARG A 408 26.37 -29.84 14.45
CA ARG A 408 27.21 -30.88 15.04
C ARG A 408 26.43 -31.83 15.92
N SER A 409 25.22 -31.47 16.34
CA SER A 409 24.41 -32.24 17.26
C SER A 409 23.37 -33.10 16.54
N SER A 410 22.76 -32.58 15.49
CA SER A 410 21.53 -33.14 14.96
C SER A 410 21.83 -34.44 14.22
N PRO A 411 20.99 -35.47 14.40
CA PRO A 411 21.24 -36.74 13.73
C PRO A 411 21.07 -36.68 12.22
N SER A 412 20.33 -35.69 11.73
CA SER A 412 20.05 -35.55 10.31
CA SER A 412 20.08 -35.59 10.30
C SER A 412 21.03 -34.65 9.58
N LEU A 413 21.93 -33.98 10.30
CA LEU A 413 22.83 -33.00 9.71
C LEU A 413 24.27 -33.52 9.78
N SER A 414 25.03 -33.28 8.71
CA SER A 414 26.44 -33.59 8.66
CA SER A 414 26.45 -33.59 8.68
C SER A 414 27.18 -32.40 8.08
N ILE A 415 28.16 -31.88 8.81
CA ILE A 415 29.01 -30.82 8.28
C ILE A 415 29.98 -31.46 7.30
N LEU A 416 29.91 -31.05 6.03
CA LEU A 416 30.79 -31.58 4.98
C LEU A 416 32.07 -30.79 4.87
N ALA A 417 32.05 -29.50 5.17
CA ALA A 417 33.22 -28.63 5.06
C ALA A 417 32.97 -27.43 5.95
N GLY A 418 34.06 -26.90 6.53
CA GLY A 418 33.93 -25.73 7.37
C GLY A 418 33.42 -26.10 8.75
N GLY A 419 32.76 -25.14 9.39
CA GLY A 419 32.28 -25.31 10.74
C GLY A 419 33.10 -24.59 11.79
N GLN A 420 34.23 -23.99 11.43
CA GLN A 420 35.11 -23.32 12.38
C GLN A 420 34.71 -21.86 12.53
N CYS A 421 35.01 -21.30 13.69
CA CYS A 421 34.83 -19.87 13.93
C CYS A 421 35.82 -19.42 14.98
N ASN A 422 36.16 -18.13 14.96
CA ASN A 422 37.19 -17.57 15.84
C ASN A 422 36.93 -16.09 15.97
N GLU A 423 36.62 -15.62 17.18
CA GLU A 423 36.33 -14.21 17.38
C GLU A 423 37.44 -13.45 18.13
N SER A 424 38.67 -13.97 18.12
CA SER A 424 39.74 -13.32 18.87
C SER A 424 40.14 -11.98 18.27
N VAL A 425 40.11 -11.85 16.95
CA VAL A 425 40.53 -10.63 16.25
C VAL A 425 39.36 -9.96 15.55
N GLY A 426 38.62 -10.73 14.75
CA GLY A 426 37.38 -10.28 14.17
C GLY A 426 36.33 -11.37 14.38
N TYR A 427 35.12 -11.09 13.91
CA TYR A 427 34.02 -12.05 14.08
C TYR A 427 34.02 -13.07 12.93
N TYR A 428 35.06 -13.89 12.90
CA TYR A 428 35.33 -14.73 11.74
C TYR A 428 34.64 -16.07 11.82
N VAL A 429 33.82 -16.36 10.79
CA VAL A 429 33.14 -17.64 10.62
C VAL A 429 33.52 -18.19 9.25
N GLU A 430 34.06 -19.40 9.23
CA GLU A 430 34.40 -20.03 7.96
C GLU A 430 33.13 -20.39 7.20
N PRO A 431 33.17 -20.42 5.86
CA PRO A 431 32.01 -20.94 5.12
C PRO A 431 31.76 -22.38 5.52
N CYS A 432 30.48 -22.74 5.67
CA CYS A 432 30.13 -24.06 6.14
C CYS A 432 29.12 -24.68 5.18
N ILE A 433 29.36 -25.92 4.77
CA ILE A 433 28.46 -26.68 3.91
C ILE A 433 27.99 -27.89 4.69
N ILE A 434 26.66 -28.03 4.82
CA ILE A 434 26.03 -29.08 5.61
C ILE A 434 25.11 -29.86 4.71
N GLU A 435 25.06 -31.18 4.88
CA GLU A 435 24.02 -31.97 4.24
C GLU A 435 22.96 -32.34 5.26
N SER A 436 21.69 -32.16 4.89
CA SER A 436 20.58 -32.59 5.72
C SER A 436 19.87 -33.77 5.07
N LYS A 437 19.64 -34.81 5.85
CA LYS A 437 18.79 -35.90 5.40
C LYS A 437 17.32 -35.60 5.60
N ASP A 438 16.99 -34.56 6.35
CA ASP A 438 15.61 -34.17 6.66
C ASP A 438 15.30 -32.89 5.90
N PRO A 439 14.44 -32.92 4.89
CA PRO A 439 14.19 -31.69 4.12
C PRO A 439 13.48 -30.61 4.92
N GLN A 440 12.93 -30.93 6.10
CA GLN A 440 12.25 -29.94 6.92
C GLN A 440 12.90 -29.76 8.29
N GLU A 441 14.19 -30.07 8.38
CA GLU A 441 14.96 -29.76 9.58
C GLU A 441 14.87 -28.26 9.86
N PRO A 442 14.90 -27.85 11.13
CA PRO A 442 14.94 -26.41 11.43
C PRO A 442 15.98 -25.61 10.64
N ILE A 443 17.15 -26.21 10.35
CA ILE A 443 18.17 -25.48 9.59
C ILE A 443 17.73 -25.22 8.15
N MET A 444 16.75 -25.99 7.64
CA MET A 444 16.17 -25.75 6.33
C MET A 444 15.09 -24.68 6.35
N LYS A 445 14.69 -24.22 7.53
CA LYS A 445 13.55 -23.31 7.68
C LYS A 445 13.92 -21.93 8.20
N GLU A 446 14.92 -21.82 9.06
CA GLU A 446 15.17 -20.59 9.81
CA GLU A 446 15.17 -20.59 9.81
C GLU A 446 16.34 -19.81 9.22
N GLU A 447 16.15 -18.50 9.12
CA GLU A 447 17.17 -17.62 8.52
C GLU A 447 18.33 -17.45 9.48
N ILE A 448 19.52 -17.86 9.06
CA ILE A 448 20.73 -17.79 9.88
C ILE A 448 21.49 -16.49 9.68
N PHE A 449 21.48 -15.96 8.46
CA PHE A 449 22.24 -14.74 8.15
C PHE A 449 23.73 -14.92 8.42
N GLY A 450 24.25 -16.07 7.97
CA GLY A 450 25.66 -16.34 8.07
C GLY A 450 26.06 -17.25 6.93
N PRO A 451 27.34 -17.62 6.86
CA PRO A 451 27.83 -18.36 5.68
C PRO A 451 27.61 -19.85 5.85
N VAL A 452 26.34 -20.25 5.85
CA VAL A 452 25.93 -21.60 6.24
C VAL A 452 24.96 -22.13 5.22
N LEU A 453 25.41 -23.05 4.37
CA LEU A 453 24.61 -23.61 3.30
C LEU A 453 24.21 -25.04 3.66
N THR A 454 22.91 -25.34 3.58
CA THR A 454 22.40 -26.69 3.83
C THR A 454 21.93 -27.29 2.52
N VAL A 455 22.31 -28.55 2.27
CA VAL A 455 21.98 -29.25 1.04
C VAL A 455 21.06 -30.41 1.36
N TYR A 456 19.98 -30.56 0.60
CA TYR A 456 19.12 -31.73 0.65
C TYR A 456 19.18 -32.44 -0.69
N VAL A 457 19.52 -33.72 -0.66
CA VAL A 457 19.67 -34.55 -1.86
C VAL A 457 18.39 -35.35 -2.04
N TYR A 458 17.72 -35.18 -3.19
CA TYR A 458 16.45 -35.83 -3.44
C TYR A 458 16.57 -36.87 -4.56
N PRO A 459 15.77 -37.95 -4.50
CA PRO A 459 15.80 -38.94 -5.59
C PRO A 459 15.26 -38.33 -6.88
N ASP A 460 15.93 -38.64 -8.00
CA ASP A 460 15.56 -38.02 -9.27
C ASP A 460 14.09 -38.19 -9.60
N ASP A 461 13.54 -39.37 -9.32
CA ASP A 461 12.14 -39.63 -9.67
C ASP A 461 11.16 -38.91 -8.77
N LYS A 462 11.63 -38.23 -7.73
CA LYS A 462 10.77 -37.49 -6.83
C LYS A 462 10.95 -35.97 -6.97
N TYR A 463 11.27 -35.50 -8.18
CA TYR A 463 11.48 -34.07 -8.34
C TYR A 463 10.21 -33.26 -8.11
N ARG A 464 9.04 -33.79 -8.51
CA ARG A 464 7.80 -33.04 -8.32
C ARG A 464 7.44 -32.93 -6.85
N GLU A 465 7.58 -34.01 -6.08
CA GLU A 465 7.36 -33.94 -4.64
C GLU A 465 8.36 -33.01 -3.98
N THR A 466 9.58 -32.95 -4.51
CA THR A 466 10.59 -32.07 -3.93
C THR A 466 10.30 -30.61 -4.25
N LEU A 467 9.82 -30.31 -5.47
CA LEU A 467 9.37 -28.95 -5.75
C LEU A 467 8.30 -28.51 -4.78
N LYS A 468 7.37 -29.42 -4.42
CA LYS A 468 6.36 -29.06 -3.42
C LYS A 468 6.99 -28.77 -2.06
N LEU A 469 8.02 -29.54 -1.69
CA LEU A 469 8.73 -29.25 -0.44
C LEU A 469 9.40 -27.88 -0.48
N VAL A 470 9.98 -27.49 -1.63
CA VAL A 470 10.58 -26.16 -1.71
C VAL A 470 9.56 -25.11 -1.34
N ASP A 471 8.32 -25.27 -1.84
CA ASP A 471 7.26 -24.30 -1.63
C ASP A 471 6.72 -24.33 -0.21
N SER A 472 6.63 -25.52 0.40
CA SER A 472 5.88 -25.69 1.65
C SER A 472 6.73 -25.61 2.92
N THR A 473 8.06 -25.68 2.81
CA THR A 473 8.88 -25.94 3.99
C THR A 473 9.07 -24.72 4.90
N THR A 474 9.15 -23.53 4.33
CA THR A 474 9.49 -22.35 5.11
C THR A 474 8.33 -21.37 5.16
N SER A 475 8.48 -20.36 6.01
CA SER A 475 7.52 -19.28 6.12
C SER A 475 7.77 -18.15 5.14
N TYR A 476 8.82 -18.21 4.33
CA TYR A 476 9.33 -17.06 3.61
C TYR A 476 9.01 -17.14 2.12
N GLY A 477 9.17 -16.00 1.45
CA GLY A 477 8.85 -15.96 0.02
C GLY A 477 9.69 -14.96 -0.75
N LEU A 478 10.98 -14.87 -0.44
CA LEU A 478 11.79 -13.79 -0.99
C LEU A 478 12.48 -14.14 -2.30
N THR A 479 13.60 -14.87 -2.28
CA THR A 479 14.28 -15.22 -3.52
C THR A 479 14.41 -16.73 -3.70
N GLY A 480 14.62 -17.13 -4.94
CA GLY A 480 14.86 -18.52 -5.24
C GLY A 480 15.28 -18.67 -6.67
N ALA A 481 15.97 -19.77 -6.94
CA ALA A 481 16.46 -20.05 -8.29
C ALA A 481 16.18 -21.49 -8.66
N VAL A 482 15.95 -21.70 -9.95
CA VAL A 482 15.90 -23.03 -10.54
C VAL A 482 17.01 -23.13 -11.57
N PHE A 483 17.81 -24.18 -11.48
CA PHE A 483 18.83 -24.48 -12.48
C PHE A 483 18.38 -25.71 -13.28
N ALA A 484 18.19 -25.54 -14.58
CA ALA A 484 17.69 -26.59 -15.45
C ALA A 484 17.86 -26.13 -16.89
N GLN A 485 18.16 -27.09 -17.77
CA GLN A 485 18.26 -26.84 -19.20
C GLN A 485 17.11 -27.45 -19.99
N ASP A 486 16.03 -27.84 -19.31
CA ASP A 486 14.87 -28.45 -19.93
C ASP A 486 13.71 -27.47 -19.83
N LYS A 487 13.20 -27.02 -20.98
CA LYS A 487 12.19 -25.96 -21.00
C LYS A 487 10.92 -26.36 -20.25
N ALA A 488 10.45 -27.59 -20.43
CA ALA A 488 9.24 -28.03 -19.76
C ALA A 488 9.42 -28.04 -18.25
N ILE A 489 10.61 -28.44 -17.77
CA ILE A 489 10.90 -28.41 -16.35
C ILE A 489 10.87 -26.98 -15.83
N VAL A 490 11.50 -26.06 -16.57
CA VAL A 490 11.52 -24.65 -16.15
C VAL A 490 10.11 -24.10 -16.07
N GLN A 491 9.27 -24.42 -17.06
CA GLN A 491 7.90 -23.92 -17.04
C GLN A 491 7.13 -24.49 -15.86
N GLU A 492 7.27 -25.80 -15.61
CA GLU A 492 6.59 -26.43 -14.49
C GLU A 492 7.06 -25.86 -13.16
N ALA A 493 8.38 -25.72 -12.99
CA ALA A 493 8.91 -25.21 -11.73
C ALA A 493 8.51 -23.75 -11.52
N THR A 494 8.46 -22.96 -12.59
CA THR A 494 8.02 -21.57 -12.47
C THR A 494 6.60 -21.49 -11.96
N ARG A 495 5.70 -22.33 -12.49
CA ARG A 495 4.32 -22.34 -12.02
C ARG A 495 4.25 -22.79 -10.56
N MET A 496 4.94 -23.88 -10.22
CA MET A 496 4.82 -24.44 -8.87
CA MET A 496 4.84 -24.45 -8.88
C MET A 496 5.42 -23.53 -7.81
N LEU A 497 6.42 -22.72 -8.17
CA LEU A 497 7.12 -21.89 -7.20
C LEU A 497 6.67 -20.43 -7.23
N ARG A 498 5.51 -20.18 -7.86
CA ARG A 498 5.02 -18.82 -8.10
C ARG A 498 4.99 -17.96 -6.85
N ASN A 499 4.62 -18.53 -5.70
CA ASN A 499 4.55 -17.76 -4.46
C ASN A 499 5.65 -18.13 -3.47
N ALA A 500 6.60 -18.96 -3.88
CA ALA A 500 7.76 -19.27 -3.05
C ALA A 500 8.86 -18.24 -3.17
N ALA A 501 8.79 -17.35 -4.15
CA ALA A 501 9.84 -16.35 -4.36
C ALA A 501 9.26 -15.15 -5.07
N GLY A 502 9.47 -13.95 -4.52
CA GLY A 502 9.13 -12.71 -5.23
C GLY A 502 10.18 -12.28 -6.24
N ASN A 503 11.40 -12.76 -6.07
CA ASN A 503 12.45 -12.59 -7.06
C ASN A 503 12.90 -14.00 -7.41
N PHE A 504 12.57 -14.43 -8.60
CA PHE A 504 12.77 -15.81 -9.04
C PHE A 504 13.77 -15.81 -10.19
N TYR A 505 14.71 -16.75 -10.14
CA TYR A 505 15.86 -16.75 -11.03
C TYR A 505 15.93 -18.08 -11.77
N ILE A 506 16.09 -18.02 -13.08
CA ILE A 506 16.26 -19.21 -13.91
C ILE A 506 17.70 -19.23 -14.40
N ASN A 507 18.47 -20.21 -13.93
CA ASN A 507 19.87 -20.37 -14.31
C ASN A 507 20.71 -19.16 -13.92
N ASP A 508 20.38 -18.58 -12.77
CA ASP A 508 21.21 -17.56 -12.16
C ASP A 508 21.07 -17.67 -10.65
N LYS A 509 21.98 -17.01 -9.94
CA LYS A 509 21.99 -17.08 -8.49
C LYS A 509 20.90 -16.18 -7.89
N SER A 510 20.59 -16.46 -6.62
CA SER A 510 19.45 -15.83 -5.97
C SER A 510 19.73 -14.44 -5.42
N THR A 511 20.99 -13.98 -5.42
CA THR A 511 21.34 -12.65 -4.94
C THR A 511 21.62 -11.73 -6.12
N GLY A 512 21.77 -10.44 -5.81
CA GLY A 512 22.25 -9.50 -6.80
C GLY A 512 21.20 -8.88 -7.70
N SER A 513 19.99 -8.66 -7.19
CA SER A 513 19.02 -7.90 -7.97
C SER A 513 19.58 -6.52 -8.27
N VAL A 514 19.22 -6.02 -9.45
CA VAL A 514 19.71 -4.74 -9.95
C VAL A 514 18.51 -3.81 -10.14
N VAL A 515 18.65 -2.58 -9.62
CA VAL A 515 17.58 -1.60 -9.70
C VAL A 515 17.14 -1.40 -11.15
N GLY A 516 15.82 -1.37 -11.37
CA GLY A 516 15.26 -1.18 -12.69
C GLY A 516 15.19 -2.44 -13.52
N GLN A 517 15.92 -3.49 -13.12
CA GLN A 517 15.96 -4.75 -13.84
C GLN A 517 15.26 -5.87 -13.08
N GLN A 518 15.54 -5.99 -11.79
CA GLN A 518 14.81 -6.90 -10.90
C GLN A 518 14.34 -6.15 -9.67
N PRO A 519 13.22 -5.42 -9.76
CA PRO A 519 12.61 -4.84 -8.55
C PRO A 519 12.48 -5.92 -7.47
N PHE A 520 12.80 -5.56 -6.23
CA PHE A 520 13.13 -6.53 -5.20
C PHE A 520 12.07 -6.59 -4.09
N GLY A 521 11.68 -7.79 -3.73
CA GLY A 521 10.79 -7.98 -2.59
C GLY A 521 9.99 -9.25 -2.75
N GLY A 522 9.39 -9.68 -1.65
CA GLY A 522 8.54 -10.85 -1.69
C GLY A 522 7.52 -10.85 -0.58
N ALA A 523 6.59 -11.79 -0.67
CA ALA A 523 5.48 -11.87 0.27
C ALA A 523 5.70 -13.01 1.26
N ARG A 524 4.64 -13.71 1.65
CA ARG A 524 4.68 -14.57 2.82
C ARG A 524 5.30 -13.81 4.00
N ALA A 525 6.20 -14.42 4.78
CA ALA A 525 6.78 -13.71 5.90
C ALA A 525 7.84 -12.69 5.48
N SER A 526 8.17 -12.59 4.20
CA SER A 526 9.26 -11.73 3.76
C SER A 526 8.87 -10.25 3.67
N GLY A 527 7.61 -9.90 3.93
CA GLY A 527 7.27 -8.51 4.08
C GLY A 527 6.10 -8.12 3.21
N THR A 528 6.02 -6.81 2.96
CA THR A 528 4.89 -6.20 2.26
C THR A 528 5.07 -6.14 0.75
N ASN A 529 6.25 -6.48 0.24
CA ASN A 529 6.54 -6.58 -1.18
C ASN A 529 6.19 -5.30 -1.95
N ASP A 530 6.79 -4.18 -1.52
CA ASP A 530 6.56 -2.91 -2.19
C ASP A 530 7.50 -2.67 -3.37
N LYS A 531 8.39 -3.63 -3.64
CA LYS A 531 9.25 -3.64 -4.83
C LYS A 531 10.09 -2.37 -5.01
N PRO A 532 10.88 -1.98 -4.01
CA PRO A 532 11.92 -0.98 -4.27
C PRO A 532 12.79 -1.47 -5.42
N GLY A 533 13.22 -0.53 -6.26
CA GLY A 533 13.89 -0.84 -7.49
C GLY A 533 13.00 -0.81 -8.71
N GLY A 534 11.69 -0.76 -8.51
CA GLY A 534 10.75 -0.61 -9.60
C GLY A 534 9.95 0.67 -9.48
N PRO A 535 9.09 0.92 -10.48
CA PRO A 535 8.43 2.22 -10.58
C PRO A 535 7.30 2.44 -9.60
N HIS A 536 6.81 1.40 -8.92
CA HIS A 536 5.65 1.53 -8.06
C HIS A 536 5.98 1.77 -6.60
N TYR A 537 7.22 1.53 -6.19
CA TYR A 537 7.60 1.72 -4.79
C TYR A 537 7.27 3.11 -4.29
N ILE A 538 7.53 4.14 -5.10
CA ILE A 538 7.32 5.50 -4.62
C ILE A 538 5.86 5.81 -4.35
N LEU A 539 4.92 5.03 -4.90
CA LEU A 539 3.51 5.28 -4.65
C LEU A 539 3.15 5.07 -3.18
N ARG A 540 3.92 4.28 -2.44
CA ARG A 540 3.63 4.14 -1.02
C ARG A 540 3.86 5.44 -0.25
N TRP A 541 4.67 6.35 -0.80
CA TRP A 541 5.09 7.54 -0.07
C TRP A 541 4.40 8.81 -0.56
N THR A 542 3.37 8.66 -1.39
CA THR A 542 2.54 9.78 -1.80
C THR A 542 1.08 9.47 -1.50
N SER A 543 0.33 10.50 -1.15
CA SER A 543 -1.11 10.41 -0.92
C SER A 543 -1.77 11.39 -1.87
N PRO A 544 -2.24 10.95 -3.03
CA PRO A 544 -2.63 11.90 -4.08
C PRO A 544 -3.85 12.74 -3.70
N GLN A 545 -3.85 13.97 -4.19
CA GLN A 545 -5.01 14.83 -4.18
C GLN A 545 -5.41 15.09 -5.63
N VAL A 546 -6.71 15.08 -5.91
CA VAL A 546 -7.19 15.41 -7.24
C VAL A 546 -7.97 16.72 -7.15
N ILE A 547 -7.58 17.69 -7.98
CA ILE A 547 -8.22 19.01 -8.03
C ILE A 547 -9.04 19.08 -9.32
N LYS A 548 -10.33 19.35 -9.18
CA LYS A 548 -11.21 19.62 -10.30
C LYS A 548 -11.53 21.11 -10.29
N GLU A 549 -11.23 21.79 -11.38
CA GLU A 549 -11.58 23.21 -11.53
C GLU A 549 -12.61 23.33 -12.65
N THR A 550 -13.77 23.89 -12.33
CA THR A 550 -14.84 24.07 -13.29
C THR A 550 -14.89 25.52 -13.73
N HIS A 551 -14.94 25.75 -15.04
CA HIS A 551 -14.72 27.07 -15.61
C HIS A 551 -16.01 27.76 -16.07
N LYS A 552 -17.16 27.12 -15.94
CA LYS A 552 -18.45 27.72 -16.24
C LYS A 552 -19.32 27.67 -14.98
N PRO A 553 -20.33 28.54 -14.88
CA PRO A 553 -21.20 28.51 -13.70
C PRO A 553 -22.00 27.23 -13.63
N LEU A 554 -22.36 26.83 -12.41
CA LEU A 554 -23.09 25.59 -12.19
C LEU A 554 -24.56 25.73 -12.62
N SER B 29 -3.56 -3.48 -25.07
CA SER B 29 -4.15 -2.16 -24.89
C SER B 29 -5.67 -2.21 -25.09
N LEU B 30 -6.38 -1.19 -24.62
CA LEU B 30 -7.83 -1.23 -24.64
C LEU B 30 -8.35 0.20 -24.58
N LYS B 31 -9.41 0.48 -25.36
CA LYS B 31 -9.98 1.82 -25.44
C LYS B 31 -11.32 1.84 -24.71
N VAL B 32 -11.42 2.66 -23.67
CA VAL B 32 -12.65 2.81 -22.92
C VAL B 32 -12.93 4.29 -22.72
N ALA B 33 -14.21 4.61 -22.58
CA ALA B 33 -14.66 5.96 -22.29
C ALA B 33 -15.71 5.88 -21.18
N ASN B 34 -15.95 7.01 -20.54
CA ASN B 34 -16.98 7.05 -19.49
C ASN B 34 -18.36 6.73 -20.06
N GLU B 35 -19.15 6.02 -19.25
CA GLU B 35 -20.51 5.69 -19.63
C GLU B 35 -21.37 6.95 -19.65
N PRO B 36 -22.08 7.24 -20.74
CA PRO B 36 -22.95 8.42 -20.76
C PRO B 36 -24.10 8.30 -19.78
N ILE B 37 -24.45 9.44 -19.18
CA ILE B 37 -25.61 9.56 -18.30
C ILE B 37 -26.85 9.78 -19.15
N LEU B 38 -27.88 8.98 -18.92
CA LEU B 38 -29.13 9.08 -19.68
C LEU B 38 -30.05 10.14 -19.07
N ALA B 39 -30.95 10.66 -19.92
CA ALA B 39 -31.80 11.78 -19.54
C ALA B 39 -33.12 11.35 -18.91
N PHE B 40 -33.65 10.18 -19.25
CA PHE B 40 -34.93 9.70 -18.74
C PHE B 40 -36.07 10.68 -19.02
N SER B 41 -36.00 11.35 -20.17
CA SER B 41 -37.08 12.26 -20.55
C SER B 41 -38.37 11.49 -20.83
N GLN B 42 -39.48 12.20 -20.78
CA GLN B 42 -40.78 11.58 -21.02
C GLN B 42 -40.82 10.95 -22.41
N GLY B 43 -41.30 9.71 -22.47
CA GLY B 43 -41.41 8.99 -23.73
C GLY B 43 -40.16 8.23 -24.15
N SER B 44 -39.04 8.40 -23.44
CA SER B 44 -37.80 7.75 -23.84
C SER B 44 -37.82 6.27 -23.50
N PRO B 45 -37.06 5.45 -24.23
CA PRO B 45 -37.03 4.01 -23.91
C PRO B 45 -36.52 3.73 -22.52
N GLU B 46 -35.53 4.50 -22.04
CA GLU B 46 -34.98 4.22 -20.72
C GLU B 46 -35.96 4.58 -19.62
N ARG B 47 -36.74 5.66 -19.79
CA ARG B 47 -37.76 5.99 -18.80
C ARG B 47 -38.84 4.92 -18.76
N ASP B 48 -39.28 4.45 -19.93
CA ASP B 48 -40.29 3.39 -19.96
C ASP B 48 -39.76 2.11 -19.35
N ALA B 49 -38.50 1.76 -19.63
CA ALA B 49 -37.93 0.54 -19.09
C ALA B 49 -37.78 0.62 -17.57
N LEU B 50 -37.38 1.79 -17.07
CA LEU B 50 -37.24 1.97 -15.62
C LEU B 50 -38.60 1.91 -14.94
N GLN B 51 -39.61 2.56 -15.52
CA GLN B 51 -40.95 2.51 -14.95
C GLN B 51 -41.47 1.09 -14.89
N LYS B 52 -41.21 0.30 -15.93
CA LYS B 52 -41.61 -1.10 -15.91
C LYS B 52 -40.88 -1.87 -14.81
N ALA B 53 -39.57 -1.63 -14.66
CA ALA B 53 -38.81 -2.32 -13.63
C ALA B 53 -39.31 -1.93 -12.23
N LEU B 54 -39.61 -0.65 -12.04
CA LEU B 54 -40.15 -0.21 -10.75
C LEU B 54 -41.51 -0.84 -10.48
N LYS B 55 -42.38 -0.87 -11.49
CA LYS B 55 -43.68 -1.51 -11.33
C LYS B 55 -43.52 -2.98 -10.94
N ASP B 56 -42.56 -3.66 -11.55
CA ASP B 56 -42.28 -5.05 -11.21
C ASP B 56 -41.91 -5.19 -9.73
N LEU B 57 -41.07 -4.29 -9.21
CA LEU B 57 -40.57 -4.44 -7.83
C LEU B 57 -41.57 -4.00 -6.76
N LYS B 58 -42.60 -3.23 -7.12
CA LYS B 58 -43.37 -2.49 -6.12
C LYS B 58 -43.97 -3.41 -5.05
N GLY B 59 -44.45 -4.58 -5.44
CA GLY B 59 -45.03 -5.47 -4.46
C GLY B 59 -44.20 -6.71 -4.18
N GLN B 60 -42.92 -6.71 -4.56
CA GLN B 60 -42.10 -7.91 -4.53
CA GLN B 60 -42.10 -7.91 -4.53
C GLN B 60 -41.11 -7.91 -3.38
N THR B 61 -40.85 -9.12 -2.86
CA THR B 61 -39.76 -9.41 -1.94
C THR B 61 -38.94 -10.51 -2.60
N GLU B 62 -37.65 -10.26 -2.83
CA GLU B 62 -36.78 -11.29 -3.37
C GLU B 62 -36.10 -12.04 -2.22
N ALA B 63 -36.14 -13.37 -2.27
CA ALA B 63 -35.40 -14.22 -1.35
C ALA B 63 -33.98 -14.41 -1.89
N ILE B 64 -33.01 -13.82 -1.21
CA ILE B 64 -31.63 -13.75 -1.67
C ILE B 64 -30.79 -14.69 -0.81
N PRO B 65 -30.27 -15.77 -1.37
CA PRO B 65 -29.47 -16.71 -0.58
C PRO B 65 -28.03 -16.23 -0.48
N CYS B 66 -27.29 -16.88 0.41
CA CYS B 66 -25.83 -16.84 0.28
C CYS B 66 -25.44 -17.72 -0.90
N VAL B 67 -24.37 -17.35 -1.60
CA VAL B 67 -23.89 -18.15 -2.73
C VAL B 67 -22.44 -18.51 -2.50
N VAL B 68 -22.18 -19.82 -2.41
CA VAL B 68 -20.84 -20.35 -2.26
C VAL B 68 -20.62 -21.28 -3.46
N GLY B 69 -19.64 -20.96 -4.29
CA GLY B 69 -19.52 -21.64 -5.56
C GLY B 69 -20.74 -21.32 -6.42
N ASP B 70 -21.48 -22.36 -6.79
CA ASP B 70 -22.76 -22.21 -7.47
C ASP B 70 -23.93 -22.61 -6.58
N GLU B 71 -23.69 -22.87 -5.30
CA GLU B 71 -24.73 -23.36 -4.40
C GLU B 71 -25.41 -22.20 -3.69
N GLU B 72 -26.74 -22.19 -3.74
CA GLU B 72 -27.55 -21.27 -2.93
C GLU B 72 -27.73 -21.88 -1.55
N VAL B 73 -27.31 -21.17 -0.51
CA VAL B 73 -27.33 -21.67 0.87
C VAL B 73 -28.16 -20.75 1.74
N TRP B 74 -29.04 -21.34 2.54
CA TRP B 74 -29.84 -20.64 3.53
C TRP B 74 -29.42 -21.08 4.93
N THR B 75 -29.28 -20.11 5.83
CA THR B 75 -29.16 -20.34 7.26
C THR B 75 -30.46 -19.95 7.93
N SER B 76 -30.53 -20.19 9.23
CA SER B 76 -31.70 -19.81 10.02
C SER B 76 -31.73 -18.32 10.36
N ASP B 77 -30.66 -17.58 10.11
CA ASP B 77 -30.59 -16.18 10.53
C ASP B 77 -31.17 -15.30 9.44
N ILE B 78 -32.49 -15.29 9.38
CA ILE B 78 -33.25 -14.59 8.34
C ILE B 78 -33.28 -13.10 8.64
N GLN B 79 -33.03 -12.29 7.63
CA GLN B 79 -33.02 -10.83 7.74
C GLN B 79 -33.83 -10.24 6.59
N TYR B 80 -34.30 -9.00 6.78
CA TYR B 80 -35.04 -8.30 5.74
C TYR B 80 -34.42 -6.95 5.44
N GLN B 81 -34.43 -6.60 4.15
CA GLN B 81 -34.12 -5.25 3.70
C GLN B 81 -35.43 -4.54 3.42
N LEU B 82 -35.58 -3.34 3.98
CA LEU B 82 -36.81 -2.55 3.85
C LEU B 82 -36.62 -1.42 2.84
N SER B 83 -37.70 -1.03 2.18
CA SER B 83 -37.64 0.14 1.31
C SER B 83 -37.61 1.39 2.19
N PRO B 84 -36.59 2.25 2.09
CA PRO B 84 -36.49 3.36 3.04
C PRO B 84 -37.68 4.30 3.08
N PHE B 85 -38.33 4.52 1.94
CA PHE B 85 -39.48 5.42 1.85
C PHE B 85 -40.81 4.73 2.07
N ASN B 86 -40.80 3.42 2.28
CA ASN B 86 -42.02 2.66 2.52
C ASN B 86 -41.61 1.40 3.28
N HIS B 87 -41.32 1.55 4.58
CA HIS B 87 -40.65 0.47 5.28
C HIS B 87 -41.56 -0.72 5.54
N ALA B 88 -42.86 -0.62 5.27
CA ALA B 88 -43.72 -1.80 5.25
C ALA B 88 -43.38 -2.73 4.09
N HIS B 89 -42.68 -2.23 3.08
CA HIS B 89 -42.28 -3.04 1.93
C HIS B 89 -40.92 -3.67 2.22
N LYS B 90 -40.92 -4.97 2.48
CA LYS B 90 -39.69 -5.75 2.56
C LYS B 90 -39.27 -6.05 1.13
N VAL B 91 -38.19 -5.41 0.68
CA VAL B 91 -37.75 -5.62 -0.70
C VAL B 91 -36.95 -6.90 -0.85
N ALA B 92 -36.35 -7.40 0.21
CA ALA B 92 -35.57 -8.62 0.15
C ALA B 92 -35.60 -9.33 1.48
N LYS B 93 -35.60 -10.66 1.41
CA LYS B 93 -35.37 -11.54 2.54
C LYS B 93 -34.06 -12.22 2.25
N PHE B 94 -33.12 -12.13 3.18
CA PHE B 94 -31.81 -12.74 3.00
C PHE B 94 -31.44 -13.43 4.29
N CYS B 95 -30.23 -13.97 4.35
CA CYS B 95 -29.79 -14.60 5.58
C CYS B 95 -28.32 -14.30 5.81
N TYR B 96 -27.96 -14.33 7.08
CA TYR B 96 -26.57 -14.13 7.48
C TYR B 96 -25.84 -15.47 7.45
N ALA B 97 -24.73 -15.52 6.73
CA ALA B 97 -23.88 -16.70 6.76
C ALA B 97 -23.38 -16.95 8.18
N ASP B 98 -23.43 -18.20 8.62
CA ASP B 98 -22.82 -18.53 9.90
C ASP B 98 -21.32 -18.73 9.73
N LYS B 99 -20.62 -18.92 10.85
CA LYS B 99 -19.17 -19.09 10.78
C LYS B 99 -18.81 -20.32 9.98
N ALA B 100 -19.60 -21.39 10.12
CA ALA B 100 -19.34 -22.60 9.33
C ALA B 100 -19.40 -22.32 7.84
N LEU B 101 -20.41 -21.56 7.40
CA LEU B 101 -20.54 -21.27 5.97
C LEU B 101 -19.44 -20.34 5.50
N LEU B 102 -19.06 -19.37 6.33
CA LEU B 102 -17.96 -18.49 5.96
C LEU B 102 -16.66 -19.27 5.80
N ASN B 103 -16.40 -20.21 6.71
CA ASN B 103 -15.17 -20.99 6.58
C ASN B 103 -15.22 -21.93 5.39
N ARG B 104 -16.39 -22.49 5.09
CA ARG B 104 -16.52 -23.28 3.87
C ARG B 104 -16.29 -22.43 2.63
N ALA B 105 -16.78 -21.18 2.65
CA ALA B 105 -16.58 -20.28 1.52
C ALA B 105 -15.11 -19.95 1.33
N ILE B 106 -14.38 -19.75 2.43
CA ILE B 106 -12.94 -19.51 2.36
C ILE B 106 -12.24 -20.70 1.73
N ASP B 107 -12.54 -21.91 2.23
CA ASP B 107 -11.85 -23.10 1.73
C ASP B 107 -12.10 -23.29 0.24
N ALA B 108 -13.36 -23.08 -0.20
CA ALA B 108 -13.69 -23.28 -1.60
C ALA B 108 -13.06 -22.21 -2.48
N ALA B 109 -13.01 -20.97 -1.98
CA ALA B 109 -12.35 -19.91 -2.74
C ALA B 109 -10.86 -20.19 -2.89
N LEU B 110 -10.20 -20.62 -1.81
CA LEU B 110 -8.78 -20.93 -1.89
C LEU B 110 -8.50 -22.07 -2.87
N ALA B 111 -9.42 -23.03 -2.97
CA ALA B 111 -9.23 -24.15 -3.90
C ALA B 111 -9.43 -23.75 -5.36
N ALA B 112 -10.03 -22.59 -5.62
CA ALA B 112 -10.21 -22.08 -6.97
C ALA B 112 -9.17 -21.02 -7.34
N ARG B 113 -8.39 -20.55 -6.36
CA ARG B 113 -7.57 -19.36 -6.55
C ARG B 113 -6.43 -19.57 -7.56
N LYS B 114 -5.69 -20.67 -7.44
CA LYS B 114 -4.48 -20.80 -8.26
C LYS B 114 -4.83 -20.77 -9.75
N GLU B 115 -5.88 -21.47 -10.16
CA GLU B 115 -6.26 -21.46 -11.57
C GLU B 115 -6.71 -20.06 -12.01
N TRP B 116 -7.47 -19.36 -11.17
CA TRP B 116 -7.92 -18.02 -11.52
C TRP B 116 -6.75 -17.05 -11.64
N ASP B 117 -5.80 -17.13 -10.71
CA ASP B 117 -4.60 -16.30 -10.74
C ASP B 117 -3.76 -16.56 -11.98
N LEU B 118 -3.70 -17.82 -12.43
CA LEU B 118 -2.91 -18.17 -13.61
C LEU B 118 -3.57 -17.78 -14.93
N LYS B 119 -4.87 -17.46 -14.91
CA LYS B 119 -5.51 -17.00 -16.13
C LYS B 119 -4.85 -15.71 -16.61
N PRO B 120 -4.77 -15.51 -17.91
CA PRO B 120 -4.26 -14.22 -18.42
C PRO B 120 -5.13 -13.07 -17.94
N MET B 121 -4.48 -11.94 -17.64
CA MET B 121 -5.20 -10.77 -17.16
C MET B 121 -6.32 -10.39 -18.11
N ALA B 122 -6.08 -10.50 -19.42
CA ALA B 122 -7.10 -10.11 -20.39
C ALA B 122 -8.32 -11.01 -20.31
N ASP B 123 -8.14 -12.28 -19.94
CA ASP B 123 -9.30 -13.16 -19.80
C ASP B 123 -10.15 -12.77 -18.60
N ARG B 124 -9.51 -12.43 -17.47
CA ARG B 124 -10.27 -11.93 -16.33
C ARG B 124 -10.95 -10.60 -16.66
N ALA B 125 -10.25 -9.72 -17.36
CA ALA B 125 -10.82 -8.42 -17.73
C ALA B 125 -12.08 -8.59 -18.57
N GLN B 126 -12.12 -9.61 -19.43
CA GLN B 126 -13.27 -9.81 -20.30
C GLN B 126 -14.55 -10.02 -19.51
N VAL B 127 -14.47 -10.66 -18.34
CA VAL B 127 -15.65 -10.84 -17.51
C VAL B 127 -16.23 -9.50 -17.12
N PHE B 128 -15.37 -8.57 -16.71
CA PHE B 128 -15.83 -7.28 -16.24
C PHE B 128 -16.30 -6.38 -17.37
N LEU B 129 -15.66 -6.48 -18.54
CA LEU B 129 -16.15 -5.74 -19.71
C LEU B 129 -17.52 -6.25 -20.14
N LYS B 130 -17.73 -7.56 -20.08
CA LYS B 130 -19.05 -8.10 -20.41
C LYS B 130 -20.10 -7.66 -19.40
N ALA B 131 -19.77 -7.72 -18.11
CA ALA B 131 -20.70 -7.25 -17.08
C ALA B 131 -21.03 -5.78 -17.27
N ALA B 132 -20.02 -4.97 -17.59
CA ALA B 132 -20.26 -3.55 -17.86
C ALA B 132 -21.25 -3.35 -19.00
N ASP B 133 -21.12 -4.14 -20.07
CA ASP B 133 -22.05 -4.01 -21.20
C ASP B 133 -23.46 -4.44 -20.81
N MET B 134 -23.59 -5.47 -19.97
CA MET B 134 -24.91 -5.87 -19.52
C MET B 134 -25.57 -4.78 -18.68
N LEU B 135 -24.81 -4.20 -17.75
CA LEU B 135 -25.30 -3.10 -16.92
C LEU B 135 -25.67 -1.90 -17.78
N SER B 136 -24.90 -1.62 -18.82
CA SER B 136 -25.16 -0.47 -19.67
C SER B 136 -26.48 -0.62 -20.40
N GLY B 137 -26.78 -1.83 -20.87
CA GLY B 137 -27.91 -2.06 -21.74
C GLY B 137 -29.05 -2.80 -21.07
N PRO B 138 -29.08 -4.12 -21.24
CA PRO B 138 -30.29 -4.89 -20.86
C PRO B 138 -30.57 -4.92 -19.37
N ARG B 139 -29.58 -4.72 -18.51
CA ARG B 139 -29.77 -4.79 -17.07
C ARG B 139 -29.81 -3.42 -16.41
N ARG B 140 -29.76 -2.35 -17.19
CA ARG B 140 -29.68 -1.01 -16.60
C ARG B 140 -30.92 -0.72 -15.76
N ALA B 141 -32.10 -0.95 -16.33
CA ALA B 141 -33.33 -0.63 -15.61
C ALA B 141 -33.44 -1.43 -14.32
N GLU B 142 -33.03 -2.70 -14.36
CA GLU B 142 -33.09 -3.55 -13.17
C GLU B 142 -32.22 -2.99 -12.04
N VAL B 143 -30.95 -2.70 -12.34
CA VAL B 143 -30.06 -2.27 -11.26
C VAL B 143 -30.44 -0.87 -10.76
N LEU B 144 -30.92 0.00 -11.65
CA LEU B 144 -31.42 1.31 -11.22
C LEU B 144 -32.63 1.14 -10.31
N ALA B 145 -33.61 0.35 -10.75
CA ALA B 145 -34.83 0.20 -9.96
C ALA B 145 -34.56 -0.42 -8.60
N LYS B 146 -33.67 -1.41 -8.56
CA LYS B 146 -33.35 -2.05 -7.28
C LYS B 146 -32.62 -1.10 -6.34
N THR B 147 -31.80 -0.20 -6.90
CA THR B 147 -31.13 0.81 -6.09
C THR B 147 -32.12 1.86 -5.60
N MET B 148 -33.08 2.23 -6.45
CA MET B 148 -34.12 3.17 -6.03
C MET B 148 -34.97 2.59 -4.91
N VAL B 149 -35.53 1.40 -5.12
CA VAL B 149 -36.50 0.88 -4.16
C VAL B 149 -35.83 0.40 -2.89
N GLY B 150 -34.62 -0.16 -3.00
CA GLY B 150 -33.94 -0.73 -1.85
C GLY B 150 -33.10 0.25 -1.05
N GLN B 151 -32.50 1.24 -1.72
CA GLN B 151 -31.65 2.22 -1.05
C GLN B 151 -32.28 3.61 -0.99
N GLY B 152 -33.43 3.82 -1.62
CA GLY B 152 -34.11 5.11 -1.56
C GLY B 152 -33.59 6.16 -2.51
N LYS B 153 -32.85 5.77 -3.55
CA LYS B 153 -32.31 6.75 -4.49
C LYS B 153 -33.36 7.24 -5.47
N THR B 154 -33.21 8.50 -5.89
CA THR B 154 -33.95 9.00 -7.02
C THR B 154 -33.40 8.41 -8.32
N VAL B 155 -34.12 8.65 -9.42
CA VAL B 155 -33.68 8.16 -10.73
C VAL B 155 -32.25 8.59 -11.03
N ILE B 156 -31.97 9.89 -10.88
CA ILE B 156 -30.66 10.39 -11.29
C ILE B 156 -29.57 9.89 -10.35
N GLN B 157 -29.85 9.80 -9.04
CA GLN B 157 -28.83 9.27 -8.13
C GLN B 157 -28.57 7.79 -8.41
N ALA B 158 -29.61 7.02 -8.75
CA ALA B 158 -29.38 5.63 -9.12
C ALA B 158 -28.59 5.53 -10.42
N GLU B 159 -28.92 6.38 -11.40
CA GLU B 159 -28.26 6.35 -12.70
C GLU B 159 -26.76 6.65 -12.60
N ILE B 160 -26.37 7.64 -11.79
CA ILE B 160 -24.95 7.96 -11.71
C ILE B 160 -24.17 6.91 -10.91
N ASP B 161 -24.87 6.07 -10.14
CA ASP B 161 -24.25 5.11 -9.24
C ASP B 161 -24.28 3.70 -9.85
N ALA B 162 -25.44 3.06 -9.82
CA ALA B 162 -25.56 1.66 -10.22
C ALA B 162 -25.30 1.44 -11.70
N ALA B 163 -25.52 2.47 -12.52
CA ALA B 163 -25.13 2.41 -13.92
C ALA B 163 -23.74 3.03 -14.09
N ALA B 164 -23.67 4.36 -14.16
CA ALA B 164 -22.47 5.03 -14.66
C ALA B 164 -21.21 4.68 -13.86
N GLU B 165 -21.23 4.90 -12.55
CA GLU B 165 -20.00 4.70 -11.76
C GLU B 165 -19.58 3.23 -11.77
N LEU B 166 -20.55 2.31 -11.62
CA LEU B 166 -20.19 0.89 -11.58
C LEU B 166 -19.66 0.42 -12.93
N ILE B 167 -20.35 0.79 -14.01
CA ILE B 167 -19.87 0.48 -15.36
C ILE B 167 -18.47 1.03 -15.56
N ASP B 168 -18.24 2.28 -15.13
CA ASP B 168 -16.92 2.88 -15.28
C ASP B 168 -15.86 2.15 -14.45
N PHE B 169 -16.17 1.76 -13.22
CA PHE B 169 -15.18 0.99 -12.45
C PHE B 169 -14.78 -0.26 -13.23
N PHE B 170 -15.77 -0.99 -13.76
CA PHE B 170 -15.47 -2.24 -14.43
C PHE B 170 -14.66 -2.00 -15.70
N ARG B 171 -15.02 -1.00 -16.51
CA ARG B 171 -14.29 -0.78 -17.76
C ARG B 171 -12.91 -0.18 -17.50
N PHE B 172 -12.84 0.84 -16.66
CA PHE B 172 -11.56 1.50 -16.44
C PHE B 172 -10.58 0.61 -15.70
N ASN B 173 -11.04 -0.12 -14.69
CA ASN B 173 -10.12 -1.05 -14.02
C ASN B 173 -9.63 -2.13 -14.96
N ALA B 174 -10.50 -2.62 -15.85
CA ALA B 174 -10.05 -3.57 -16.87
C ALA B 174 -8.94 -2.97 -17.71
N LYS B 175 -9.11 -1.73 -18.18
CA LYS B 175 -8.07 -1.08 -18.97
C LYS B 175 -6.79 -0.91 -18.16
N PHE B 176 -6.91 -0.42 -16.92
CA PHE B 176 -5.73 -0.22 -16.10
C PHE B 176 -4.98 -1.54 -15.89
N ALA B 177 -5.72 -2.64 -15.67
CA ALA B 177 -5.10 -3.93 -15.37
C ALA B 177 -4.41 -4.52 -16.60
N VAL B 178 -5.07 -4.46 -17.76
CA VAL B 178 -4.44 -4.95 -18.99
C VAL B 178 -3.19 -4.15 -19.30
N GLU B 179 -3.24 -2.84 -19.09
CA GLU B 179 -2.08 -2.01 -19.41
C GLU B 179 -0.96 -2.16 -18.38
N LEU B 180 -1.30 -2.49 -17.13
CA LEU B 180 -0.28 -2.72 -16.11
C LEU B 180 0.68 -3.83 -16.53
N GLU B 181 0.18 -4.85 -17.20
CA GLU B 181 1.06 -5.93 -17.65
C GLU B 181 2.12 -5.45 -18.63
N GLY B 182 1.90 -4.31 -19.29
CA GLY B 182 2.93 -3.74 -20.14
C GLY B 182 4.03 -3.03 -19.41
N GLU B 183 3.88 -2.84 -18.10
CA GLU B 183 4.91 -2.19 -17.29
C GLU B 183 5.91 -3.25 -16.87
N GLN B 184 7.03 -3.30 -17.59
CA GLN B 184 8.01 -4.36 -17.48
C GLN B 184 9.37 -3.76 -17.22
N PRO B 185 10.26 -4.50 -16.55
CA PRO B 185 11.58 -3.95 -16.21
C PRO B 185 12.52 -3.99 -17.41
N ILE B 186 13.72 -3.45 -17.20
CA ILE B 186 14.77 -3.42 -18.21
C ILE B 186 15.45 -4.79 -18.26
N SER B 187 15.79 -5.24 -19.46
CA SER B 187 16.61 -6.43 -19.66
C SER B 187 17.94 -6.03 -20.26
N VAL B 188 19.01 -6.61 -19.73
CA VAL B 188 20.37 -6.38 -20.21
C VAL B 188 21.02 -7.74 -20.46
N PRO B 189 21.64 -7.97 -21.62
CA PRO B 189 22.32 -9.25 -21.85
C PRO B 189 23.23 -9.58 -20.68
N PRO B 190 23.29 -10.86 -20.27
CA PRO B 190 22.70 -12.02 -20.93
C PRO B 190 21.37 -12.49 -20.32
N SER B 191 20.55 -11.58 -19.80
CA SER B 191 19.38 -11.99 -19.05
C SER B 191 18.14 -11.23 -19.50
N THR B 192 16.99 -11.88 -19.35
CA THR B 192 15.68 -11.31 -19.65
CA THR B 192 15.70 -11.28 -19.64
C THR B 192 14.89 -11.23 -18.37
N ASN B 193 14.26 -10.07 -18.11
CA ASN B 193 13.49 -9.86 -16.89
C ASN B 193 12.03 -9.61 -17.22
N HIS B 194 11.16 -10.21 -16.42
CA HIS B 194 9.73 -10.08 -16.63
C HIS B 194 9.03 -9.96 -15.29
N THR B 195 8.04 -9.07 -15.21
CA THR B 195 7.23 -8.95 -14.00
C THR B 195 5.91 -9.69 -14.20
N VAL B 196 5.59 -10.55 -13.24
CA VAL B 196 4.32 -11.28 -13.17
C VAL B 196 3.49 -10.61 -12.09
N TYR B 197 2.33 -10.07 -12.47
CA TYR B 197 1.45 -9.40 -11.52
C TYR B 197 0.55 -10.45 -10.86
N ARG B 198 1.11 -11.13 -9.85
CA ARG B 198 0.39 -12.17 -9.14
C ARG B 198 -0.76 -11.58 -8.35
N GLY B 199 -1.86 -12.33 -8.26
CA GLY B 199 -2.83 -12.02 -7.23
C GLY B 199 -2.25 -12.26 -5.84
N LEU B 200 -2.89 -11.71 -4.82
CA LEU B 200 -2.42 -11.96 -3.46
C LEU B 200 -2.72 -13.40 -3.08
N GLU B 201 -1.83 -13.99 -2.28
CA GLU B 201 -1.96 -15.39 -1.89
C GLU B 201 -2.83 -15.45 -0.64
N GLY B 202 -4.01 -16.05 -0.77
CA GLY B 202 -5.01 -16.10 0.27
C GLY B 202 -6.34 -15.65 -0.30
N PHE B 203 -7.22 -15.13 0.57
CA PHE B 203 -8.47 -14.55 0.10
C PHE B 203 -8.60 -13.12 0.61
N VAL B 204 -9.39 -12.33 -0.11
CA VAL B 204 -9.69 -10.94 0.22
C VAL B 204 -11.11 -10.86 0.74
N ALA B 205 -11.31 -10.13 1.83
CA ALA B 205 -12.65 -9.86 2.35
C ALA B 205 -13.08 -8.48 1.84
N ALA B 206 -14.20 -8.43 1.13
CA ALA B 206 -14.77 -7.17 0.63
C ALA B 206 -16.01 -6.84 1.46
N ILE B 207 -16.03 -5.65 2.06
CA ILE B 207 -17.05 -5.23 3.02
C ILE B 207 -17.57 -3.88 2.55
N SER B 208 -18.82 -3.83 2.10
CA SER B 208 -19.30 -2.67 1.37
C SER B 208 -20.40 -1.91 2.10
N PRO B 209 -20.59 -0.63 1.75
CA PRO B 209 -21.56 0.24 2.45
C PRO B 209 -22.89 0.31 1.74
N PHE B 210 -23.89 0.88 2.41
CA PHE B 210 -25.23 0.93 1.83
C PHE B 210 -25.36 1.93 0.70
N ASN B 211 -24.51 2.95 0.66
CA ASN B 211 -24.91 4.19 -0.01
C ASN B 211 -24.58 4.24 -1.50
N PHE B 212 -23.73 3.33 -2.00
CA PHE B 212 -23.47 3.25 -3.44
C PHE B 212 -23.43 1.79 -3.85
N THR B 213 -24.34 1.40 -4.73
CA THR B 213 -24.26 0.10 -5.38
C THR B 213 -22.91 -0.12 -6.04
N ALA B 214 -22.38 0.93 -6.66
CA ALA B 214 -21.12 0.84 -7.41
C ALA B 214 -19.95 0.48 -6.50
N ILE B 215 -19.95 0.97 -5.26
CA ILE B 215 -18.80 0.71 -4.38
C ILE B 215 -18.71 -0.76 -4.05
N GLY B 216 -19.85 -1.40 -3.77
CA GLY B 216 -19.82 -2.84 -3.51
C GLY B 216 -19.28 -3.62 -4.69
N GLY B 217 -19.72 -3.27 -5.90
CA GLY B 217 -19.20 -3.94 -7.08
C GLY B 217 -17.70 -3.76 -7.26
N ASN B 218 -17.20 -2.56 -6.98
CA ASN B 218 -15.76 -2.30 -7.09
C ASN B 218 -14.97 -2.99 -5.99
N LEU B 219 -15.47 -2.96 -4.75
CA LEU B 219 -14.71 -3.54 -3.64
C LEU B 219 -14.47 -5.03 -3.83
N ALA B 220 -15.47 -5.75 -4.34
CA ALA B 220 -15.34 -7.18 -4.63
C ALA B 220 -14.72 -7.40 -6.00
N GLY B 221 -15.07 -6.57 -6.98
CA GLY B 221 -14.66 -6.81 -8.35
C GLY B 221 -13.21 -6.46 -8.66
N ALA B 222 -12.70 -5.35 -8.13
CA ALA B 222 -11.32 -4.99 -8.43
C ALA B 222 -10.32 -6.03 -7.95
N PRO B 223 -10.41 -6.55 -6.71
CA PRO B 223 -9.49 -7.62 -6.34
C PRO B 223 -9.66 -8.86 -7.20
N ALA B 224 -10.90 -9.24 -7.52
CA ALA B 224 -11.09 -10.42 -8.36
C ALA B 224 -10.45 -10.23 -9.73
N LEU B 225 -10.57 -9.04 -10.31
CA LEU B 225 -9.93 -8.74 -11.59
C LEU B 225 -8.45 -9.04 -11.56
N MET B 226 -7.79 -8.75 -10.44
CA MET B 226 -6.35 -8.90 -10.28
C MET B 226 -5.94 -10.31 -9.88
N GLY B 227 -6.83 -11.28 -9.98
CA GLY B 227 -6.46 -12.65 -9.71
C GLY B 227 -6.71 -13.11 -8.29
N ASN B 228 -7.44 -12.32 -7.50
CA ASN B 228 -7.77 -12.70 -6.14
C ASN B 228 -9.10 -13.45 -6.10
N VAL B 229 -9.30 -14.17 -5.00
CA VAL B 229 -10.60 -14.72 -4.64
C VAL B 229 -11.11 -13.94 -3.43
N VAL B 230 -12.43 -13.80 -3.34
CA VAL B 230 -13.08 -12.79 -2.50
C VAL B 230 -14.26 -13.39 -1.76
N LEU B 231 -14.38 -13.07 -0.46
CA LEU B 231 -15.66 -13.17 0.25
C LEU B 231 -16.25 -11.78 0.32
N TRP B 232 -17.40 -11.59 -0.32
CA TRP B 232 -18.07 -10.30 -0.37
C TRP B 232 -19.23 -10.31 0.63
N LYS B 233 -19.11 -9.49 1.67
CA LYS B 233 -20.20 -9.23 2.60
C LYS B 233 -20.85 -7.92 2.22
N PRO B 234 -21.95 -7.92 1.47
CA PRO B 234 -22.60 -6.65 1.09
C PRO B 234 -23.31 -6.02 2.28
N SER B 235 -23.68 -4.76 2.09
CA SER B 235 -24.47 -4.05 3.08
C SER B 235 -25.91 -4.59 3.12
N ASP B 236 -26.41 -4.86 4.33
CA ASP B 236 -27.79 -5.31 4.50
C ASP B 236 -28.77 -4.39 3.79
N THR B 237 -28.54 -3.08 3.89
CA THR B 237 -29.47 -2.08 3.40
C THR B 237 -29.29 -1.79 1.90
N ALA B 238 -28.40 -2.52 1.22
CA ALA B 238 -28.25 -2.46 -0.22
C ALA B 238 -28.28 -3.87 -0.84
N MET B 239 -28.93 -4.81 -0.15
CA MET B 239 -28.81 -6.22 -0.53
C MET B 239 -29.37 -6.50 -1.93
N LEU B 240 -30.57 -5.94 -2.21
CA LEU B 240 -31.27 -6.23 -3.46
C LEU B 240 -30.40 -5.87 -4.67
N ALA B 241 -29.88 -4.64 -4.70
CA ALA B 241 -29.05 -4.21 -5.82
C ALA B 241 -27.70 -4.93 -5.81
N SER B 242 -27.14 -5.20 -4.64
CA SER B 242 -25.86 -5.90 -4.58
C SER B 242 -25.94 -7.29 -5.19
N TYR B 243 -27.01 -8.04 -4.86
CA TYR B 243 -27.18 -9.37 -5.46
C TYR B 243 -27.40 -9.29 -6.96
N ALA B 244 -28.08 -8.24 -7.43
CA ALA B 244 -28.25 -8.08 -8.87
C ALA B 244 -26.90 -7.94 -9.55
N VAL B 245 -25.99 -7.18 -8.95
CA VAL B 245 -24.64 -7.03 -9.49
C VAL B 245 -23.90 -8.37 -9.46
N TYR B 246 -24.00 -9.10 -8.34
CA TYR B 246 -23.36 -10.40 -8.24
C TYR B 246 -23.84 -11.33 -9.35
N ARG B 247 -25.15 -11.41 -9.55
CA ARG B 247 -25.67 -12.30 -10.58
C ARG B 247 -25.19 -11.91 -11.96
N ILE B 248 -25.12 -10.61 -12.24
CA ILE B 248 -24.61 -10.16 -13.53
C ILE B 248 -23.17 -10.60 -13.73
N LEU B 249 -22.34 -10.46 -12.69
CA LEU B 249 -20.95 -10.94 -12.79
C LEU B 249 -20.88 -12.42 -13.12
N ARG B 250 -21.71 -13.23 -12.44
CA ARG B 250 -21.71 -14.66 -12.74
C ARG B 250 -22.18 -14.94 -14.16
N GLU B 251 -23.24 -14.24 -14.61
CA GLU B 251 -23.73 -14.43 -15.97
C GLU B 251 -22.71 -13.97 -17.00
N ALA B 252 -21.86 -12.99 -16.64
CA ALA B 252 -20.82 -12.51 -17.53
C ALA B 252 -19.63 -13.44 -17.61
N GLY B 253 -19.64 -14.52 -16.84
CA GLY B 253 -18.60 -15.53 -16.93
C GLY B 253 -17.69 -15.67 -15.73
N LEU B 254 -17.94 -14.97 -14.64
CA LEU B 254 -17.10 -15.15 -13.46
C LEU B 254 -17.23 -16.59 -13.00
N PRO B 255 -16.12 -17.34 -12.87
CA PRO B 255 -16.22 -18.76 -12.48
C PRO B 255 -16.69 -18.91 -11.05
N PRO B 256 -17.12 -20.11 -10.66
CA PRO B 256 -17.52 -20.34 -9.28
C PRO B 256 -16.34 -20.17 -8.32
N ASN B 257 -16.66 -19.75 -7.11
CA ASN B 257 -15.71 -19.64 -5.99
C ASN B 257 -14.71 -18.51 -6.14
N ILE B 258 -14.88 -17.62 -7.11
CA ILE B 258 -14.03 -16.44 -7.22
C ILE B 258 -14.56 -15.30 -6.36
N ILE B 259 -15.87 -15.04 -6.40
CA ILE B 259 -16.52 -14.15 -5.44
C ILE B 259 -17.63 -14.96 -4.76
N GLN B 260 -17.52 -15.14 -3.45
CA GLN B 260 -18.56 -15.78 -2.66
C GLN B 260 -19.48 -14.69 -2.14
N PHE B 261 -20.78 -14.85 -2.33
CA PHE B 261 -21.76 -13.84 -1.93
C PHE B 261 -22.24 -14.21 -0.53
N VAL B 262 -21.68 -13.56 0.49
CA VAL B 262 -21.89 -13.99 1.86
C VAL B 262 -22.34 -12.83 2.77
N PRO B 263 -23.58 -12.37 2.64
CA PRO B 263 -24.14 -11.52 3.69
C PRO B 263 -23.92 -12.16 5.05
N ALA B 264 -23.74 -11.33 6.07
CA ALA B 264 -23.40 -11.84 7.39
C ALA B 264 -23.53 -10.72 8.40
N ASP B 265 -23.69 -11.09 9.66
CA ASP B 265 -23.53 -10.11 10.73
C ASP B 265 -22.13 -9.51 10.65
N GLY B 266 -22.03 -8.18 10.74
CA GLY B 266 -20.77 -7.50 10.56
C GLY B 266 -19.67 -8.03 11.46
N PRO B 267 -19.87 -7.92 12.78
CA PRO B 267 -18.83 -8.43 13.71
C PRO B 267 -18.52 -9.92 13.52
N THR B 268 -19.53 -10.75 13.27
CA THR B 268 -19.28 -12.17 13.02
C THR B 268 -18.38 -12.35 11.80
N PHE B 269 -18.64 -11.60 10.73
CA PHE B 269 -17.84 -11.69 9.52
C PHE B 269 -16.41 -11.24 9.79
N GLY B 270 -16.26 -10.07 10.43
CA GLY B 270 -14.92 -9.57 10.74
C GLY B 270 -14.14 -10.52 11.61
N ASP B 271 -14.79 -11.07 12.65
CA ASP B 271 -14.12 -12.02 13.52
C ASP B 271 -13.63 -13.23 12.73
N THR B 272 -14.46 -13.74 11.82
CA THR B 272 -14.12 -14.94 11.08
C THR B 272 -12.97 -14.68 10.12
N VAL B 273 -13.06 -13.62 9.32
CA VAL B 273 -12.04 -13.41 8.29
C VAL B 273 -10.69 -13.04 8.91
N THR B 274 -10.70 -12.24 9.99
CA THR B 274 -9.45 -11.86 10.64
C THR B 274 -8.83 -12.98 11.45
N SER B 275 -9.55 -14.08 11.70
CA SER B 275 -9.04 -15.25 12.38
C SER B 275 -8.51 -16.30 11.41
N SER B 276 -8.66 -16.10 10.10
CA SER B 276 -8.23 -17.09 9.13
C SER B 276 -6.77 -16.90 8.79
N GLU B 277 -6.00 -17.98 8.84
CA GLU B 277 -4.60 -17.90 8.45
C GLU B 277 -4.41 -17.48 7.00
N HIS B 278 -5.47 -17.56 6.19
CA HIS B 278 -5.38 -17.30 4.76
C HIS B 278 -5.86 -15.92 4.34
N LEU B 279 -6.18 -15.04 5.29
CA LEU B 279 -6.57 -13.69 4.93
C LEU B 279 -5.38 -12.96 4.33
N CYS B 280 -5.57 -12.35 3.16
CA CYS B 280 -4.52 -11.53 2.58
C CYS B 280 -4.92 -10.09 2.30
N GLY B 281 -6.19 -9.73 2.47
CA GLY B 281 -6.59 -8.36 2.28
C GLY B 281 -7.98 -8.11 2.77
N ILE B 282 -8.26 -6.87 3.16
CA ILE B 282 -9.60 -6.39 3.45
C ILE B 282 -9.82 -5.15 2.61
N ASN B 283 -10.87 -5.15 1.80
CA ASN B 283 -11.23 -3.98 1.00
C ASN B 283 -12.53 -3.44 1.56
N PHE B 284 -12.46 -2.31 2.24
CA PHE B 284 -13.54 -1.83 3.11
C PHE B 284 -13.97 -0.43 2.71
N THR B 285 -15.27 -0.15 2.82
CA THR B 285 -15.76 1.23 2.82
C THR B 285 -16.89 1.33 3.83
N GLY B 286 -16.83 2.33 4.70
CA GLY B 286 -17.77 2.43 5.82
C GLY B 286 -17.20 3.38 6.86
N SER B 287 -17.59 3.16 8.11
CA SER B 287 -17.23 4.09 9.18
C SER B 287 -15.80 3.88 9.67
N VAL B 288 -15.20 4.97 10.15
CA VAL B 288 -13.87 4.94 10.78
C VAL B 288 -13.77 3.89 11.90
N PRO B 289 -14.68 3.83 12.87
CA PRO B 289 -14.48 2.87 13.97
C PRO B 289 -14.45 1.42 13.50
N THR B 290 -15.27 1.08 12.51
CA THR B 290 -15.25 -0.29 12.00
C THR B 290 -13.92 -0.62 11.35
N PHE B 291 -13.38 0.29 10.53
CA PHE B 291 -12.10 0.04 9.89
C PHE B 291 -10.99 -0.10 10.92
N LYS B 292 -10.97 0.77 11.93
CA LYS B 292 -9.95 0.66 12.97
C LYS B 292 -10.07 -0.66 13.72
N HIS B 293 -11.29 -1.11 13.98
CA HIS B 293 -11.50 -2.38 14.66
C HIS B 293 -10.89 -3.53 13.85
N LEU B 294 -11.17 -3.56 12.55
CA LEU B 294 -10.62 -4.60 11.69
C LEU B 294 -9.10 -4.54 11.64
N TRP B 295 -8.55 -3.33 11.55
CA TRP B 295 -7.09 -3.14 11.55
C TRP B 295 -6.49 -3.71 12.82
N ARG B 296 -7.13 -3.45 13.96
CA ARG B 296 -6.63 -3.99 15.22
C ARG B 296 -6.74 -5.51 15.28
N GLN B 297 -7.83 -6.08 14.74
CA GLN B 297 -7.96 -7.53 14.76
C GLN B 297 -6.88 -8.20 13.92
N VAL B 298 -6.57 -7.64 12.75
CA VAL B 298 -5.49 -8.16 11.93
C VAL B 298 -4.17 -8.10 12.68
N ALA B 299 -3.91 -6.98 13.35
CA ALA B 299 -2.64 -6.85 14.06
C ALA B 299 -2.54 -7.86 15.19
N GLN B 300 -3.64 -8.11 15.90
CA GLN B 300 -3.61 -9.12 16.97
C GLN B 300 -3.31 -10.51 16.44
N ASN B 301 -3.72 -10.81 15.21
CA ASN B 301 -3.61 -12.15 14.64
C ASN B 301 -2.39 -12.31 13.72
N LEU B 302 -1.43 -11.40 13.75
CA LEU B 302 -0.33 -11.44 12.77
C LEU B 302 0.42 -12.76 12.78
N ASP B 303 0.52 -13.42 13.93
CA ASP B 303 1.34 -14.63 13.98
C ASP B 303 0.68 -15.82 13.32
N ARG B 304 -0.59 -15.74 12.94
CA ARG B 304 -1.20 -16.88 12.29
C ARG B 304 -1.34 -16.73 10.79
N PHE B 305 -1.17 -15.52 10.24
CA PHE B 305 -1.31 -15.34 8.81
C PHE B 305 -0.09 -15.87 8.07
N ARG B 306 -0.33 -16.36 6.86
CA ARG B 306 0.77 -16.73 5.97
C ARG B 306 1.48 -15.49 5.42
N THR B 307 0.76 -14.39 5.20
CA THR B 307 1.41 -13.15 4.79
C THR B 307 0.72 -11.97 5.45
N PHE B 308 1.32 -10.80 5.29
CA PHE B 308 0.82 -9.58 5.88
C PHE B 308 -0.41 -9.09 5.13
N PRO B 309 -1.59 -9.09 5.74
CA PRO B 309 -2.78 -8.65 5.00
C PRO B 309 -2.73 -7.16 4.67
N ARG B 310 -3.28 -6.82 3.51
CA ARG B 310 -3.37 -5.44 3.05
C ARG B 310 -4.75 -4.91 3.34
N LEU B 311 -4.81 -3.86 4.14
CA LEU B 311 -6.06 -3.22 4.49
C LEU B 311 -6.23 -1.95 3.68
N ALA B 312 -7.36 -1.84 2.99
CA ALA B 312 -7.75 -0.65 2.27
C ALA B 312 -9.08 -0.19 2.82
N GLY B 313 -9.17 1.09 3.17
CA GLY B 313 -10.39 1.62 3.72
C GLY B 313 -10.68 3.05 3.29
N GLU B 314 -11.89 3.32 2.86
CA GLU B 314 -12.37 4.69 2.70
C GLU B 314 -13.47 4.90 3.72
N CYS B 315 -13.38 5.98 4.49
CA CYS B 315 -14.11 6.09 5.76
C CYS B 315 -14.90 7.38 5.93
N GLY B 316 -15.25 8.05 4.86
CA GLY B 316 -16.16 9.20 5.01
C GLY B 316 -15.46 10.50 5.39
N GLY B 317 -16.29 11.52 5.67
CA GLY B 317 -15.74 12.85 5.83
C GLY B 317 -16.69 13.79 6.53
N LYS B 318 -16.17 14.98 6.82
CA LYS B 318 -16.98 16.13 7.23
C LYS B 318 -16.60 17.25 6.26
N ASN B 319 -17.25 17.24 5.11
CA ASN B 319 -16.74 17.97 3.96
C ASN B 319 -17.27 19.40 3.90
N PHE B 320 -16.46 20.29 3.34
CA PHE B 320 -16.71 21.72 3.40
C PHE B 320 -16.95 22.32 2.02
N HIS B 321 -17.74 23.40 2.00
CA HIS B 321 -17.74 24.36 0.91
C HIS B 321 -17.28 25.69 1.52
N PHE B 322 -16.18 26.22 1.03
CA PHE B 322 -15.66 27.50 1.51
C PHE B 322 -15.93 28.56 0.45
N VAL B 323 -16.59 29.64 0.87
CA VAL B 323 -17.00 30.70 -0.05
C VAL B 323 -16.14 31.92 0.22
N HIS B 324 -15.52 32.45 -0.83
CA HIS B 324 -14.87 33.75 -0.79
C HIS B 324 -15.84 34.82 -1.28
N SER B 325 -15.60 36.07 -0.87
CA SER B 325 -16.49 37.18 -1.22
C SER B 325 -16.61 37.37 -2.74
N SER B 326 -15.67 36.85 -3.52
CA SER B 326 -15.69 36.96 -4.97
C SER B 326 -16.47 35.85 -5.66
N ALA B 327 -17.15 34.99 -4.90
CA ALA B 327 -17.79 33.81 -5.47
C ALA B 327 -19.02 34.19 -6.30
N ASP B 328 -19.37 33.29 -7.23
CA ASP B 328 -20.63 33.35 -7.95
C ASP B 328 -21.72 32.80 -7.02
N VAL B 329 -22.61 33.68 -6.56
CA VAL B 329 -23.61 33.29 -5.57
C VAL B 329 -24.50 32.17 -6.10
N ASP B 330 -24.90 32.25 -7.37
CA ASP B 330 -25.77 31.22 -7.93
C ASP B 330 -25.10 29.85 -7.94
N SER B 331 -23.80 29.81 -8.27
CA SER B 331 -23.08 28.55 -8.22
C SER B 331 -22.97 28.03 -6.79
N VAL B 332 -22.71 28.92 -5.83
CA VAL B 332 -22.63 28.51 -4.43
C VAL B 332 -23.93 27.86 -3.97
N VAL B 333 -25.06 28.50 -4.27
CA VAL B 333 -26.34 28.01 -3.75
C VAL B 333 -26.72 26.68 -4.38
N SER B 334 -26.65 26.59 -5.71
CA SER B 334 -27.05 25.35 -6.36
C SER B 334 -26.09 24.21 -6.03
N GLY B 335 -24.77 24.49 -6.04
CA GLY B 335 -23.81 23.45 -5.73
C GLY B 335 -23.90 22.98 -4.30
N THR B 336 -24.16 23.89 -3.37
CA THR B 336 -24.25 23.52 -1.96
C THR B 336 -25.53 22.75 -1.67
N LEU B 337 -26.67 23.19 -2.22
CA LEU B 337 -27.91 22.45 -2.00
C LEU B 337 -27.82 21.04 -2.55
N ARG B 338 -27.22 20.88 -3.72
CA ARG B 338 -27.05 19.54 -4.29
C ARG B 338 -26.10 18.71 -3.45
N SER B 339 -24.94 19.26 -3.09
CA SER B 339 -23.96 18.49 -2.33
C SER B 339 -24.50 18.12 -0.95
N ALA B 340 -25.20 19.03 -0.29
CA ALA B 340 -25.67 18.75 1.05
C ALA B 340 -26.89 17.83 1.07
N PHE B 341 -27.77 17.90 0.06
CA PHE B 341 -29.07 17.27 0.17
C PHE B 341 -29.36 16.18 -0.85
N GLU B 342 -28.60 16.07 -1.95
CA GLU B 342 -28.84 14.94 -2.84
C GLU B 342 -28.59 13.64 -2.09
N TYR B 343 -29.44 12.64 -2.38
CA TYR B 343 -29.45 11.38 -1.63
C TYR B 343 -29.51 11.61 -0.12
N GLY B 344 -30.20 12.66 0.30
CA GLY B 344 -30.35 12.92 1.73
C GLY B 344 -29.05 13.21 2.44
N GLY B 345 -28.03 13.67 1.72
CA GLY B 345 -26.74 13.88 2.34
C GLY B 345 -26.00 12.62 2.73
N GLN B 346 -26.45 11.46 2.27
CA GLN B 346 -25.86 10.18 2.66
C GLN B 346 -24.70 9.80 1.75
N LYS B 347 -23.76 10.72 1.60
CA LYS B 347 -22.59 10.50 0.79
C LYS B 347 -21.36 10.85 1.60
N CYS B 348 -20.33 10.01 1.46
CA CYS B 348 -19.04 10.27 2.08
CA CYS B 348 -19.06 10.29 2.10
C CYS B 348 -18.48 11.62 1.66
N SER B 349 -18.91 12.13 0.50
CA SER B 349 -18.42 13.36 -0.10
C SER B 349 -19.34 14.56 0.12
N ALA B 350 -20.49 14.38 0.78
CA ALA B 350 -21.50 15.43 0.87
C ALA B 350 -21.01 16.61 1.70
N CYS B 351 -21.37 17.82 1.26
CA CYS B 351 -21.08 19.02 2.03
C CYS B 351 -21.96 19.09 3.26
N SER B 352 -21.34 19.21 4.44
CA SER B 352 -22.08 19.43 5.67
C SER B 352 -21.68 20.68 6.42
N ARG B 353 -20.63 21.38 6.00
CA ARG B 353 -20.29 22.66 6.58
C ARG B 353 -20.04 23.68 5.47
N LEU B 354 -20.72 24.80 5.56
CA LEU B 354 -20.62 25.89 4.59
C LEU B 354 -20.05 27.12 5.30
N TYR B 355 -18.95 27.66 4.78
CA TYR B 355 -18.32 28.86 5.33
C TYR B 355 -18.58 30.03 4.39
N VAL B 356 -19.24 31.07 4.89
CA VAL B 356 -19.72 32.19 4.07
C VAL B 356 -19.18 33.49 4.65
N PRO B 357 -18.66 34.40 3.83
CA PRO B 357 -18.24 35.70 4.36
C PRO B 357 -19.46 36.56 4.65
N LYS B 358 -19.31 37.42 5.67
CA LYS B 358 -20.42 38.25 6.12
C LYS B 358 -21.00 39.09 4.98
N SER B 359 -20.14 39.56 4.07
CA SER B 359 -20.60 40.45 3.01
C SER B 359 -21.61 39.77 2.09
N LEU B 360 -21.46 38.47 1.85
CA LEU B 360 -22.33 37.71 0.95
C LEU B 360 -23.45 36.98 1.67
N TRP B 361 -23.45 36.96 3.00
CA TRP B 361 -24.45 36.19 3.73
C TRP B 361 -25.89 36.64 3.46
N PRO B 362 -26.21 37.94 3.38
CA PRO B 362 -27.59 38.30 2.99
C PRO B 362 -28.02 37.71 1.66
N GLN B 363 -27.20 37.82 0.62
CA GLN B 363 -27.56 37.24 -0.68
C GLN B 363 -27.69 35.72 -0.60
N ILE B 364 -26.72 35.06 0.03
CA ILE B 364 -26.70 33.60 0.03
C ILE B 364 -27.80 33.04 0.93
N LYS B 365 -28.02 33.65 2.09
CA LYS B 365 -29.07 33.18 2.99
C LYS B 365 -30.43 33.27 2.33
N GLY B 366 -30.73 34.41 1.70
CA GLY B 366 -32.02 34.56 1.04
C GLY B 366 -32.24 33.55 -0.06
N ARG B 367 -31.20 33.33 -0.88
CA ARG B 367 -31.33 32.38 -1.99
C ARG B 367 -31.40 30.94 -1.48
N LEU B 368 -30.61 30.61 -0.44
CA LEU B 368 -30.70 29.28 0.15
C LEU B 368 -32.09 28.98 0.68
N LEU B 369 -32.70 29.95 1.38
CA LEU B 369 -34.02 29.71 1.96
C LEU B 369 -35.10 29.61 0.88
N GLU B 370 -35.04 30.48 -0.13
CA GLU B 370 -36.00 30.42 -1.21
C GLU B 370 -35.92 29.07 -1.92
N GLU B 371 -34.71 28.66 -2.30
CA GLU B 371 -34.55 27.39 -2.98
C GLU B 371 -34.88 26.22 -2.09
N HIS B 372 -34.59 26.33 -0.79
CA HIS B 372 -34.94 25.25 0.14
C HIS B 372 -36.44 24.96 0.11
N SER B 373 -37.26 26.02 0.02
CA SER B 373 -38.71 25.85 0.01
C SER B 373 -39.22 25.10 -1.22
N ARG B 374 -38.38 24.95 -2.24
CA ARG B 374 -38.74 24.26 -3.48
C ARG B 374 -38.27 22.82 -3.53
N ILE B 375 -37.55 22.35 -2.51
CA ILE B 375 -37.02 20.99 -2.52
C ILE B 375 -38.14 20.02 -2.16
N LYS B 376 -38.44 19.10 -3.07
CA LYS B 376 -39.50 18.13 -2.89
C LYS B 376 -38.91 16.84 -2.30
N VAL B 377 -39.41 16.44 -1.15
CA VAL B 377 -39.04 15.17 -0.51
C VAL B 377 -40.23 14.23 -0.65
N GLY B 378 -39.98 13.03 -1.16
CA GLY B 378 -41.07 12.09 -1.36
C GLY B 378 -40.60 10.77 -1.91
N ASP B 379 -41.55 10.04 -2.47
CA ASP B 379 -41.34 8.70 -3.00
C ASP B 379 -40.71 8.79 -4.37
N PRO B 380 -39.49 8.29 -4.56
CA PRO B 380 -38.79 8.50 -5.83
C PRO B 380 -39.25 7.59 -6.94
N ALA B 381 -39.89 6.48 -6.60
CA ALA B 381 -40.44 5.57 -7.60
C ALA B 381 -41.75 6.10 -8.16
N GLU B 382 -42.54 6.80 -7.34
CA GLU B 382 -43.84 7.30 -7.77
C GLU B 382 -43.78 8.72 -8.33
N ASP B 383 -42.76 9.49 -7.96
CA ASP B 383 -42.69 10.90 -8.35
C ASP B 383 -41.25 11.21 -8.78
N PHE B 384 -41.03 11.25 -10.10
CA PHE B 384 -39.71 11.59 -10.61
C PHE B 384 -39.35 13.07 -10.39
N GLY B 385 -40.30 13.88 -9.91
CA GLY B 385 -39.98 15.22 -9.46
C GLY B 385 -39.32 15.31 -8.10
N THR B 386 -39.16 14.16 -7.44
CA THR B 386 -38.57 14.13 -6.10
C THR B 386 -37.11 14.59 -6.14
N PHE B 387 -36.74 15.50 -5.23
CA PHE B 387 -35.35 15.89 -5.08
C PHE B 387 -34.54 14.84 -4.33
N PHE B 388 -35.02 14.42 -3.16
CA PHE B 388 -34.44 13.27 -2.45
C PHE B 388 -35.54 12.63 -1.61
N SER B 389 -35.25 11.43 -1.13
CA SER B 389 -36.24 10.66 -0.39
C SER B 389 -35.79 10.37 1.04
N ALA B 390 -36.43 9.39 1.66
CA ALA B 390 -36.14 9.00 3.03
C ALA B 390 -34.69 8.56 3.18
N VAL B 391 -34.17 8.69 4.41
CA VAL B 391 -32.87 8.14 4.77
C VAL B 391 -32.96 6.63 4.93
N ILE B 392 -31.81 5.98 5.10
CA ILE B 392 -31.69 4.57 4.74
C ILE B 392 -32.46 3.66 5.70
N ASP B 393 -32.42 3.93 7.00
CA ASP B 393 -32.98 2.97 7.97
C ASP B 393 -33.30 3.67 9.28
N ALA B 394 -33.83 2.90 10.23
CA ALA B 394 -34.29 3.45 11.49
C ALA B 394 -33.12 3.97 12.33
N LYS B 395 -31.96 3.33 12.26
CA LYS B 395 -30.81 3.80 13.02
C LYS B 395 -30.34 5.16 12.52
N ALA B 396 -30.25 5.33 11.20
CA ALA B 396 -29.89 6.63 10.65
C ALA B 396 -30.91 7.68 11.02
N PHE B 397 -32.20 7.36 10.93
CA PHE B 397 -33.25 8.29 11.29
C PHE B 397 -33.10 8.75 12.74
N ALA B 398 -32.85 7.80 13.65
CA ALA B 398 -32.74 8.14 15.07
C ALA B 398 -31.53 9.04 15.34
N ARG B 399 -30.40 8.75 14.67
CA ARG B 399 -29.22 9.59 14.85
C ARG B 399 -29.47 11.01 14.35
N ILE B 400 -30.06 11.14 13.16
CA ILE B 400 -30.34 12.45 12.59
C ILE B 400 -31.30 13.23 13.49
N LYS B 401 -32.33 12.55 14.00
CA LYS B 401 -33.28 13.22 14.88
C LYS B 401 -32.60 13.76 16.13
N LYS B 402 -31.63 13.02 16.68
CA LYS B 402 -30.90 13.51 17.85
C LYS B 402 -30.09 14.75 17.52
N TRP B 403 -29.55 14.83 16.30
CA TRP B 403 -28.81 16.04 15.91
C TRP B 403 -29.75 17.22 15.72
N LEU B 404 -30.94 16.99 15.15
CA LEU B 404 -31.92 18.06 15.04
C LEU B 404 -32.34 18.55 16.42
N GLU B 405 -32.52 17.63 17.37
CA GLU B 405 -32.85 18.03 18.73
C GLU B 405 -31.71 18.81 19.37
N HIS B 406 -30.46 18.43 19.07
CA HIS B 406 -29.31 19.18 19.57
C HIS B 406 -29.29 20.60 19.01
N ALA B 407 -29.63 20.76 17.72
CA ALA B 407 -29.69 22.09 17.14
C ALA B 407 -30.73 22.97 17.83
N ARG B 408 -31.83 22.37 18.29
CA ARG B 408 -32.85 23.15 18.99
C ARG B 408 -32.41 23.54 20.38
N SER B 409 -31.63 22.70 21.05
CA SER B 409 -31.23 22.96 22.43
C SER B 409 -30.00 23.83 22.54
N SER B 410 -29.06 23.72 21.61
CA SER B 410 -27.78 24.39 21.73
C SER B 410 -27.96 25.91 21.60
N PRO B 411 -27.35 26.71 22.47
CA PRO B 411 -27.43 28.17 22.30
C PRO B 411 -26.60 28.68 21.13
N SER B 412 -25.68 27.87 20.60
CA SER B 412 -24.85 28.28 19.49
C SER B 412 -25.48 27.98 18.12
N LEU B 413 -26.58 27.24 18.08
CA LEU B 413 -27.18 26.77 16.84
C LEU B 413 -28.59 27.31 16.69
N SER B 414 -28.97 27.59 15.44
CA SER B 414 -30.34 27.99 15.13
C SER B 414 -30.74 27.34 13.81
N ILE B 415 -31.90 26.71 13.81
CA ILE B 415 -32.44 26.09 12.60
C ILE B 415 -33.04 27.18 11.72
N LEU B 416 -32.47 27.37 10.54
CA LEU B 416 -32.99 28.36 9.60
C LEU B 416 -34.10 27.81 8.71
N ALA B 417 -34.04 26.52 8.37
CA ALA B 417 -35.02 25.91 7.50
C ALA B 417 -35.04 24.41 7.74
N GLY B 418 -36.21 23.81 7.58
CA GLY B 418 -36.35 22.39 7.86
C GLY B 418 -36.41 22.12 9.35
N GLY B 419 -36.03 20.90 9.74
CA GLY B 419 -36.00 20.51 11.13
C GLY B 419 -37.02 19.45 11.51
N GLN B 420 -37.96 19.12 10.63
CA GLN B 420 -38.99 18.14 10.92
C GLN B 420 -38.62 16.78 10.35
N CYS B 421 -39.18 15.73 10.96
CA CYS B 421 -39.00 14.37 10.47
C CYS B 421 -40.18 13.51 10.90
N ASN B 422 -40.44 12.45 10.14
CA ASN B 422 -41.63 11.62 10.32
C ASN B 422 -41.29 10.24 9.80
N GLU B 423 -41.35 9.23 10.68
CA GLU B 423 -41.04 7.86 10.26
C GLU B 423 -42.27 6.95 10.23
N SER B 424 -43.46 7.52 10.08
CA SER B 424 -44.67 6.69 10.08
C SER B 424 -44.77 5.80 8.83
N VAL B 425 -44.27 6.27 7.68
CA VAL B 425 -44.35 5.54 6.41
C VAL B 425 -42.96 5.18 5.89
N GLY B 426 -42.09 6.18 5.76
CA GLY B 426 -40.68 5.96 5.50
C GLY B 426 -39.86 6.76 6.48
N TYR B 427 -38.54 6.66 6.34
CA TYR B 427 -37.64 7.37 7.26
C TYR B 427 -37.38 8.78 6.74
N TYR B 428 -38.41 9.60 6.80
CA TYR B 428 -38.40 10.88 6.11
C TYR B 428 -37.89 12.02 6.98
N VAL B 429 -36.90 12.75 6.46
CA VAL B 429 -36.30 13.90 7.13
C VAL B 429 -36.32 15.07 6.14
N GLU B 430 -36.84 16.21 6.58
CA GLU B 430 -36.75 17.41 5.77
C GLU B 430 -35.29 17.84 5.65
N PRO B 431 -34.91 18.46 4.53
CA PRO B 431 -33.57 19.07 4.45
C PRO B 431 -33.50 20.19 5.48
N CYS B 432 -32.39 20.24 6.22
CA CYS B 432 -32.27 21.16 7.34
C CYS B 432 -31.02 22.03 7.16
N ILE B 433 -31.21 23.35 7.27
CA ILE B 433 -30.12 24.31 7.24
C ILE B 433 -30.03 24.95 8.63
N ILE B 434 -28.83 24.89 9.21
CA ILE B 434 -28.57 25.37 10.56
C ILE B 434 -27.43 26.37 10.48
N GLU B 435 -27.54 27.46 11.23
CA GLU B 435 -26.43 28.38 11.38
C GLU B 435 -25.78 28.16 12.75
N SER B 436 -24.46 28.05 12.77
CA SER B 436 -23.71 27.97 14.01
C SER B 436 -22.96 29.28 14.23
N LYS B 437 -23.02 29.78 15.46
CA LYS B 437 -22.17 30.89 15.87
C LYS B 437 -20.80 30.42 16.33
N ASP B 438 -20.62 29.11 16.48
CA ASP B 438 -19.38 28.52 16.97
C ASP B 438 -18.78 27.68 15.86
N PRO B 439 -17.64 28.07 15.29
CA PRO B 439 -17.04 27.25 14.22
C PRO B 439 -16.53 25.91 14.70
N GLN B 440 -16.45 25.70 16.02
CA GLN B 440 -15.97 24.45 16.60
C GLN B 440 -17.08 23.64 17.25
N GLU B 441 -18.36 24.00 17.02
CA GLU B 441 -19.46 23.24 17.58
C GLU B 441 -19.37 21.77 17.13
N PRO B 442 -19.79 20.83 17.98
CA PRO B 442 -19.78 19.42 17.54
C PRO B 442 -20.46 19.15 16.21
N ILE B 443 -21.51 19.91 15.86
CA ILE B 443 -22.18 19.69 14.57
C ILE B 443 -21.28 20.06 13.40
N MET B 444 -20.26 20.89 13.62
CA MET B 444 -19.29 21.22 12.59
C MET B 444 -18.21 20.15 12.45
N LYS B 445 -18.18 19.17 13.34
CA LYS B 445 -17.09 18.20 13.40
C LYS B 445 -17.52 16.77 13.09
N GLU B 446 -18.71 16.37 13.51
CA GLU B 446 -19.11 14.97 13.46
C GLU B 446 -19.97 14.68 12.22
N GLU B 447 -19.66 13.57 11.56
CA GLU B 447 -20.37 13.19 10.34
C GLU B 447 -21.77 12.69 10.70
N ILE B 448 -22.80 13.35 10.16
CA ILE B 448 -24.18 13.00 10.46
C ILE B 448 -24.74 12.01 9.45
N PHE B 449 -24.31 12.07 8.19
CA PHE B 449 -24.85 11.23 7.13
C PHE B 449 -26.36 11.41 7.00
N GLY B 450 -26.79 12.67 6.97
CA GLY B 450 -28.17 13.03 6.78
C GLY B 450 -28.27 14.38 6.13
N PRO B 451 -29.49 14.86 5.86
CA PRO B 451 -29.64 16.12 5.10
C PRO B 451 -29.56 17.34 6.02
N VAL B 452 -28.38 17.54 6.60
CA VAL B 452 -28.18 18.53 7.67
C VAL B 452 -26.96 19.36 7.32
N LEU B 453 -27.18 20.60 6.89
CA LEU B 453 -26.12 21.53 6.50
C LEU B 453 -25.95 22.59 7.57
N THR B 454 -24.72 22.77 8.05
CA THR B 454 -24.41 23.80 9.02
C THR B 454 -23.62 24.91 8.36
N VAL B 455 -24.00 26.16 8.64
CA VAL B 455 -23.40 27.34 8.03
C VAL B 455 -22.68 28.13 9.12
N TYR B 456 -21.44 28.52 8.83
CA TYR B 456 -20.69 29.44 9.69
C TYR B 456 -20.34 30.69 8.90
N VAL B 457 -20.75 31.85 9.41
CA VAL B 457 -20.51 33.12 8.75
C VAL B 457 -19.27 33.77 9.37
N TYR B 458 -18.28 34.10 8.52
CA TYR B 458 -17.03 34.64 9.01
C TYR B 458 -16.81 36.07 8.50
N PRO B 459 -16.09 36.90 9.24
CA PRO B 459 -15.81 38.26 8.74
C PRO B 459 -14.85 38.22 7.56
N ASP B 460 -15.18 38.99 6.52
CA ASP B 460 -14.41 39.00 5.28
C ASP B 460 -12.91 39.14 5.55
N ASP B 461 -12.53 40.08 6.41
CA ASP B 461 -11.11 40.36 6.62
C ASP B 461 -10.40 39.27 7.42
N LYS B 462 -11.11 38.23 7.85
CA LYS B 462 -10.53 37.09 8.55
C LYS B 462 -10.57 35.82 7.71
N TYR B 463 -10.57 35.96 6.38
CA TYR B 463 -10.65 34.77 5.54
C TYR B 463 -9.46 33.84 5.73
N ARG B 464 -8.27 34.37 5.99
CA ARG B 464 -7.09 33.52 6.15
C ARG B 464 -7.17 32.71 7.43
N GLU B 465 -7.53 33.37 8.53
CA GLU B 465 -7.72 32.65 9.79
C GLU B 465 -8.83 31.62 9.67
N THR B 466 -9.89 31.95 8.92
CA THR B 466 -10.98 31.01 8.73
C THR B 466 -10.57 29.80 7.90
N LEU B 467 -9.74 30.02 6.86
CA LEU B 467 -9.20 28.89 6.11
C LEU B 467 -8.44 27.94 7.01
N LYS B 468 -7.70 28.45 7.99
CA LYS B 468 -7.02 27.56 8.93
C LYS B 468 -8.02 26.76 9.75
N LEU B 469 -9.14 27.38 10.15
CA LEU B 469 -10.16 26.62 10.86
C LEU B 469 -10.80 25.55 9.98
N VAL B 470 -11.02 25.85 8.70
CA VAL B 470 -11.53 24.81 7.80
C VAL B 470 -10.64 23.60 7.85
N ASP B 471 -9.32 23.84 7.90
CA ASP B 471 -8.32 22.77 7.85
C ASP B 471 -8.25 22.02 9.17
N SER B 472 -8.41 22.71 10.30
CA SER B 472 -8.12 22.10 11.60
C SER B 472 -9.34 21.65 12.39
N THR B 473 -10.55 21.99 11.96
CA THR B 473 -11.72 21.77 12.81
C THR B 473 -12.10 20.29 12.95
N THR B 474 -11.97 19.50 11.88
CA THR B 474 -12.43 18.11 11.89
C THR B 474 -11.25 17.15 11.80
N SER B 475 -11.57 15.87 11.98
CA SER B 475 -10.59 14.78 11.86
C SER B 475 -10.45 14.27 10.43
N TYR B 476 -11.22 14.79 9.49
CA TYR B 476 -11.40 14.17 8.18
C TYR B 476 -10.65 14.93 7.09
N GLY B 477 -10.50 14.28 5.95
CA GLY B 477 -9.75 14.86 4.86
C GLY B 477 -10.24 14.42 3.49
N LEU B 478 -11.56 14.32 3.32
CA LEU B 478 -12.10 13.68 2.11
C LEU B 478 -12.38 14.67 0.99
N THR B 479 -13.48 15.43 1.02
CA THR B 479 -13.76 16.38 -0.04
C THR B 479 -13.93 17.80 0.48
N GLY B 480 -13.80 18.74 -0.44
CA GLY B 480 -14.00 20.13 -0.10
C GLY B 480 -13.97 20.95 -1.37
N ALA B 481 -14.59 22.13 -1.29
CA ALA B 481 -14.68 23.03 -2.42
C ALA B 481 -14.36 24.45 -1.97
N VAL B 482 -13.78 25.21 -2.88
CA VAL B 482 -13.65 26.65 -2.74
C VAL B 482 -14.41 27.33 -3.87
N PHE B 483 -15.26 28.29 -3.52
CA PHE B 483 -15.96 29.11 -4.50
C PHE B 483 -15.34 30.50 -4.46
N ALA B 484 -14.68 30.88 -5.55
CA ALA B 484 -14.03 32.18 -5.65
C ALA B 484 -13.70 32.45 -7.11
N GLN B 485 -13.84 33.72 -7.52
CA GLN B 485 -13.41 34.14 -8.85
C GLN B 485 -12.05 34.82 -8.85
N ASP B 486 -11.49 35.08 -7.68
CA ASP B 486 -10.16 35.68 -7.58
C ASP B 486 -9.11 34.59 -7.68
N LYS B 487 -8.24 34.69 -8.69
CA LYS B 487 -7.26 33.63 -8.93
C LYS B 487 -6.27 33.52 -7.76
N ALA B 488 -5.86 34.66 -7.19
CA ALA B 488 -4.92 34.61 -6.07
C ALA B 488 -5.54 33.93 -4.85
N ILE B 489 -6.82 34.22 -4.58
CA ILE B 489 -7.51 33.54 -3.49
C ILE B 489 -7.58 32.04 -3.74
N VAL B 490 -7.88 31.65 -4.98
CA VAL B 490 -7.94 30.23 -5.33
C VAL B 490 -6.60 29.57 -5.07
N GLN B 491 -5.51 30.20 -5.49
CA GLN B 491 -4.19 29.64 -5.26
C GLN B 491 -3.88 29.54 -3.78
N GLU B 492 -4.23 30.58 -3.01
CA GLU B 492 -3.97 30.58 -1.58
C GLU B 492 -4.77 29.51 -0.87
N ALA B 493 -6.07 29.41 -1.17
CA ALA B 493 -6.90 28.39 -0.53
C ALA B 493 -6.44 26.99 -0.93
N THR B 494 -6.02 26.80 -2.18
CA THR B 494 -5.55 25.50 -2.62
C THR B 494 -4.33 25.06 -1.82
N ARG B 495 -3.41 25.99 -1.55
CA ARG B 495 -2.24 25.67 -0.73
C ARG B 495 -2.64 25.38 0.71
N MET B 496 -3.49 26.24 1.30
CA MET B 496 -3.81 26.10 2.71
CA MET B 496 -3.81 26.10 2.71
C MET B 496 -4.66 24.88 3.00
N LEU B 497 -5.43 24.40 2.02
CA LEU B 497 -6.34 23.28 2.21
C LEU B 497 -5.79 21.99 1.61
N ARG B 498 -4.49 21.96 1.30
CA ARG B 498 -3.88 20.83 0.59
C ARG B 498 -4.18 19.48 1.24
N ASN B 499 -4.16 19.41 2.57
CA ASN B 499 -4.42 18.16 3.26
C ASN B 499 -5.79 18.08 3.91
N ALA B 500 -6.65 19.08 3.68
CA ALA B 500 -8.01 19.05 4.18
C ALA B 500 -8.95 18.30 3.24
N ALA B 501 -8.52 17.97 2.02
CA ALA B 501 -9.39 17.29 1.06
C ALA B 501 -8.53 16.53 0.06
N GLY B 502 -8.79 15.22 -0.09
CA GLY B 502 -8.17 14.45 -1.15
C GLY B 502 -8.83 14.64 -2.50
N ASN B 503 -10.08 15.08 -2.51
CA ASN B 503 -10.78 15.52 -3.71
C ASN B 503 -11.21 16.95 -3.46
N PHE B 504 -10.57 17.87 -4.16
CA PHE B 504 -10.71 19.31 -3.95
C PHE B 504 -11.30 19.91 -5.20
N TYR B 505 -12.28 20.81 -5.02
CA TYR B 505 -13.09 21.33 -6.11
C TYR B 505 -13.01 22.84 -6.11
N ILE B 506 -12.76 23.42 -7.28
CA ILE B 506 -12.71 24.87 -7.46
C ILE B 506 -13.92 25.25 -8.28
N ASN B 507 -14.86 25.98 -7.65
CA ASN B 507 -16.09 26.41 -8.29
C ASN B 507 -16.94 25.25 -8.79
N ASP B 508 -16.96 24.18 -8.01
CA ASP B 508 -17.87 23.06 -8.25
C ASP B 508 -18.19 22.43 -6.91
N LYS B 509 -19.24 21.60 -6.87
CA LYS B 509 -19.69 20.99 -5.64
C LYS B 509 -18.78 19.84 -5.23
N SER B 510 -18.86 19.48 -3.94
CA SER B 510 -17.92 18.52 -3.38
C SER B 510 -18.27 17.06 -3.66
N THR B 511 -19.42 16.77 -4.27
CA THR B 511 -19.82 15.41 -4.59
C THR B 511 -19.68 15.15 -6.08
N GLY B 512 -19.80 13.89 -6.47
CA GLY B 512 -19.92 13.55 -7.88
C GLY B 512 -18.61 13.33 -8.61
N SER B 513 -17.60 12.79 -7.95
CA SER B 513 -16.40 12.41 -8.67
C SER B 513 -16.72 11.37 -9.73
N VAL B 514 -15.99 11.44 -10.84
CA VAL B 514 -16.22 10.57 -11.99
C VAL B 514 -14.98 9.73 -12.22
N VAL B 515 -15.18 8.42 -12.42
CA VAL B 515 -14.07 7.51 -12.62
C VAL B 515 -13.20 7.98 -13.79
N GLY B 516 -11.88 7.92 -13.59
CA GLY B 516 -10.93 8.33 -14.60
C GLY B 516 -10.73 9.84 -14.70
N GLN B 517 -11.58 10.63 -14.07
CA GLN B 517 -11.50 12.09 -14.08
C GLN B 517 -11.15 12.65 -12.72
N GLN B 518 -11.83 12.21 -11.66
CA GLN B 518 -11.46 12.53 -10.29
C GLN B 518 -11.34 11.25 -9.48
N PRO B 519 -10.20 10.54 -9.59
CA PRO B 519 -9.97 9.41 -8.68
C PRO B 519 -10.22 9.85 -7.24
N PHE B 520 -10.88 8.99 -6.47
CA PHE B 520 -11.57 9.40 -5.26
C PHE B 520 -10.90 8.83 -4.01
N GLY B 521 -10.74 9.68 -3.00
CA GLY B 521 -10.25 9.24 -1.72
C GLY B 521 -9.53 10.36 -1.00
N GLY B 522 -9.34 10.16 0.31
CA GLY B 522 -8.61 11.14 1.09
C GLY B 522 -8.00 10.51 2.32
N ALA B 523 -7.14 11.29 2.98
CA ALA B 523 -6.39 10.81 4.13
C ALA B 523 -6.95 11.36 5.44
N ARG B 524 -6.11 11.70 6.41
CA ARG B 524 -6.59 11.93 7.78
C ARG B 524 -7.48 10.77 8.21
N ALA B 525 -8.61 11.02 8.88
CA ALA B 525 -9.46 9.91 9.29
C ALA B 525 -10.27 9.32 8.15
N SER B 526 -10.14 9.86 6.93
CA SER B 526 -10.97 9.40 5.81
C SER B 526 -10.44 8.13 5.16
N GLY B 527 -9.30 7.62 5.61
CA GLY B 527 -8.90 6.29 5.22
C GLY B 527 -7.51 6.24 4.63
N THR B 528 -7.27 5.20 3.83
CA THR B 528 -5.95 4.91 3.30
C THR B 528 -5.67 5.57 1.96
N ASN B 529 -6.67 6.20 1.35
CA ASN B 529 -6.53 6.97 0.12
C ASN B 529 -5.87 6.20 -1.01
N ASP B 530 -6.47 5.06 -1.36
CA ASP B 530 -5.94 4.25 -2.46
C ASP B 530 -6.49 4.67 -3.82
N LYS B 531 -7.34 5.69 -3.87
CA LYS B 531 -7.79 6.31 -5.11
C LYS B 531 -8.45 5.33 -6.10
N PRO B 532 -9.47 4.59 -5.68
CA PRO B 532 -10.33 3.93 -6.67
C PRO B 532 -10.84 4.97 -7.65
N GLY B 533 -10.93 4.59 -8.92
CA GLY B 533 -11.22 5.51 -9.99
C GLY B 533 -10.00 5.98 -10.74
N GLY B 534 -8.81 5.71 -10.22
CA GLY B 534 -7.57 6.02 -10.89
C GLY B 534 -6.76 4.78 -11.17
N PRO B 535 -5.63 4.96 -11.85
CA PRO B 535 -4.88 3.82 -12.38
C PRO B 535 -4.05 3.07 -11.34
N HIS B 536 -3.90 3.59 -10.12
CA HIS B 536 -3.02 2.96 -9.15
C HIS B 536 -3.75 2.09 -8.15
N TYR B 537 -5.07 2.19 -8.07
CA TYR B 537 -5.85 1.43 -7.09
C TYR B 537 -5.60 -0.07 -7.21
N ILE B 538 -5.55 -0.58 -8.43
CA ILE B 538 -5.38 -2.02 -8.63
C ILE B 538 -4.05 -2.53 -8.09
N LEU B 539 -3.05 -1.66 -7.93
CA LEU B 539 -1.77 -2.12 -7.42
C LEU B 539 -1.85 -2.63 -5.99
N ARG B 540 -2.86 -2.22 -5.21
CA ARG B 540 -3.02 -2.78 -3.88
C ARG B 540 -3.36 -4.26 -3.92
N TRP B 541 -3.88 -4.77 -5.04
CA TRP B 541 -4.41 -6.12 -5.11
C TRP B 541 -3.53 -7.05 -5.92
N THR B 542 -2.31 -6.63 -6.23
CA THR B 542 -1.32 -7.51 -6.83
C THR B 542 -0.03 -7.47 -6.01
N SER B 543 0.65 -8.61 -5.95
CA SER B 543 1.95 -8.74 -5.28
C SER B 543 2.92 -9.21 -6.35
N PRO B 544 3.68 -8.31 -6.97
CA PRO B 544 4.46 -8.71 -8.16
C PRO B 544 5.60 -9.67 -7.86
N GLN B 545 5.86 -10.54 -8.84
CA GLN B 545 7.04 -11.38 -8.86
C GLN B 545 7.87 -10.99 -10.06
N VAL B 546 9.17 -10.91 -9.91
CA VAL B 546 10.06 -10.61 -11.02
C VAL B 546 10.88 -11.86 -11.31
N ILE B 547 10.85 -12.29 -12.57
CA ILE B 547 11.60 -13.45 -13.04
C ILE B 547 12.76 -12.97 -13.89
N LYS B 548 13.97 -13.38 -13.52
CA LYS B 548 15.17 -13.14 -14.31
C LYS B 548 15.60 -14.48 -14.89
N GLU B 549 15.69 -14.57 -16.22
CA GLU B 549 16.23 -15.75 -16.85
C GLU B 549 17.55 -15.41 -17.51
N THR B 550 18.59 -16.14 -17.15
CA THR B 550 19.92 -15.90 -17.70
C THR B 550 20.21 -16.93 -18.78
N HIS B 551 20.73 -16.47 -19.92
CA HIS B 551 20.83 -17.28 -21.12
C HIS B 551 22.24 -17.75 -21.42
N LYS B 552 23.21 -17.46 -20.57
CA LYS B 552 24.57 -17.92 -20.73
C LYS B 552 25.02 -18.59 -19.44
N PRO B 553 25.95 -19.55 -19.51
CA PRO B 553 26.48 -20.16 -18.29
C PRO B 553 27.17 -19.12 -17.41
N LEU B 554 27.08 -19.33 -16.11
CA LEU B 554 27.73 -18.43 -15.17
C LEU B 554 29.24 -18.68 -15.18
N GLY B 555 30.00 -17.63 -14.88
CA GLY B 555 31.44 -17.72 -14.92
C GLY B 555 32.05 -18.45 -13.74
#